data_4XWT
#
_entry.id   4XWT
#
_cell.length_a   66.590
_cell.length_b   87.760
_cell.length_c   253.420
_cell.angle_alpha   90.00
_cell.angle_beta   90.00
_cell.angle_gamma   90.00
#
_symmetry.space_group_name_H-M   'P 21 21 21'
#
loop_
_entity.id
_entity.type
_entity.pdbx_description
1 polymer DR2417
2 non-polymer 'ZINC ION'
3 non-polymer 'MANGANESE (II) ION'
4 non-polymer GLYCEROL
5 non-polymer "URIDINE-5'-MONOPHOSPHATE"
6 water water
#
_entity_poly.entity_id   1
_entity_poly.type   'polypeptide(L)'
_entity_poly.pdbx_seq_one_letter_code
;MTRPEQPRPESADLPAPTLEVIPLGGMGEIGKNITVFRYGDEIVVVDGGLAFPKAHQMGIDLIVPRIDYLLEHQDKIKGW
ILTHGHEDHIGGLPYIFARLPRVPVYGLPLTLALVREKLSEFGLQDVDLREVTYGDEVRFGQSFVAEFFCMTHSIPDNAG
YILKTPVGDVLHTGDFKIDPDVGTGAGIVSDLERVEQAGKDGVLLLISDSTNAERPGHTPSEAEIARNLEEIIKGCRGRV
FLTTFASQVYRIQNILDLAHRQGRRVVMEGRSMIKYAQAAQATGHMNPPEPFLTSEEVGELQDQQVLFVCTGSQGQPMAV
LGRLAFGTHAKIALRRGDTVILSSNPIPGNEDAVNLIVNRLYEIGVDVVYPPTYRVHASGHASQEELATILNLTRPKFFL
PWHGEPRHQINHAKLAQTLPRPPKRTLIAKNGDIVNLGPDEFRVSGTVAAGAVYVDGLGVGDVNDDVLLDRVNLSQEGLL
ILTAVLHPTPHVEVVARGFARPNRDLELQIRRVALEAVEQGLREKKRLEDVRDDMYGAVRRFTRKATGRNPVLIPMIVD
;
_entity_poly.pdbx_strand_id   A,B
#
loop_
_chem_comp.id
_chem_comp.type
_chem_comp.name
_chem_comp.formula
GOL non-polymer GLYCEROL 'C3 H8 O3'
MN non-polymer 'MANGANESE (II) ION' 'Mn 2'
U5P non-polymer URIDINE-5'-MONOPHOSPHATE 'C9 H13 N2 O9 P'
ZN non-polymer 'ZINC ION' 'Zn 2'
#
# COMPACT_ATOMS: atom_id res chain seq x y z
N ALA A 16 10.82 -36.27 31.13
CA ALA A 16 9.60 -37.00 30.76
C ALA A 16 9.07 -36.44 29.44
N PRO A 17 8.30 -37.25 28.69
CA PRO A 17 7.77 -36.78 27.39
C PRO A 17 7.07 -35.44 27.52
N THR A 18 7.28 -34.57 26.54
CA THR A 18 6.67 -33.26 26.59
C THR A 18 5.76 -33.07 25.40
N LEU A 19 4.87 -32.09 25.49
CA LEU A 19 4.04 -31.71 24.38
C LEU A 19 4.91 -30.86 23.45
N GLU A 20 4.76 -31.07 22.15
CA GLU A 20 5.38 -30.18 21.19
C GLU A 20 4.32 -29.37 20.47
N VAL A 21 4.44 -28.05 20.55
CA VAL A 21 3.62 -27.18 19.76
C VAL A 21 4.47 -26.64 18.62
N ILE A 22 4.09 -27.01 17.39
CA ILE A 22 4.87 -26.63 16.22
C ILE A 22 3.99 -25.86 15.24
N PRO A 23 4.04 -24.53 15.30
CA PRO A 23 3.29 -23.75 14.29
C PRO A 23 3.97 -23.93 12.93
N LEU A 24 3.21 -24.13 11.85
CA LEU A 24 3.77 -24.21 10.50
C LEU A 24 3.33 -23.02 9.64
N GLY A 25 2.37 -22.27 10.15
CA GLY A 25 1.93 -21.05 9.52
C GLY A 25 1.13 -20.28 10.55
N GLY A 26 1.15 -18.95 10.48
CA GLY A 26 0.30 -18.14 11.33
C GLY A 26 1.03 -17.44 12.47
N MET A 27 2.31 -17.73 12.64
CA MET A 27 3.13 -17.03 13.63
C MET A 27 4.05 -16.01 12.96
N GLY A 28 4.00 -14.77 13.42
CA GLY A 28 4.79 -13.70 12.81
C GLY A 28 4.19 -13.24 11.49
N GLU A 29 2.93 -13.57 11.27
CA GLU A 29 2.19 -13.15 10.08
C GLU A 29 0.72 -13.23 10.39
N ILE A 30 -0.07 -12.60 9.53
CA ILE A 30 -1.50 -12.76 9.56
C ILE A 30 -1.91 -13.54 8.32
N GLY A 31 -2.15 -14.85 8.46
CA GLY A 31 -2.39 -15.67 7.30
C GLY A 31 -1.83 -17.09 7.35
N LYS A 32 -2.28 -17.92 6.40
CA LYS A 32 -1.97 -19.36 6.34
C LYS A 32 -1.73 -20.02 7.71
N ASN A 33 -2.75 -19.95 8.56
CA ASN A 33 -2.72 -20.61 9.86
C ASN A 33 -2.74 -22.14 9.78
N ILE A 34 -1.77 -22.76 10.44
CA ILE A 34 -1.74 -24.22 10.61
C ILE A 34 -0.79 -24.48 11.77
N THR A 35 -1.31 -25.15 12.79
CA THR A 35 -0.51 -25.45 13.98
C THR A 35 -0.50 -26.95 14.22
N VAL A 36 0.68 -27.49 14.51
CA VAL A 36 0.87 -28.90 14.80
C VAL A 36 1.07 -29.14 16.29
N PHE A 37 0.30 -30.06 16.85
CA PHE A 37 0.54 -30.54 18.20
C PHE A 37 1.03 -31.98 18.15
N ARG A 38 2.15 -32.26 18.80
CA ARG A 38 2.65 -33.61 18.82
C ARG A 38 3.00 -34.08 20.23
N TYR A 39 2.45 -35.23 20.59
CA TYR A 39 2.83 -35.89 21.84
C TYR A 39 3.17 -37.34 21.52
N GLY A 40 4.42 -37.72 21.80
CA GLY A 40 4.86 -39.06 21.48
C GLY A 40 4.78 -39.27 19.98
N ASP A 41 4.07 -40.31 19.55
CA ASP A 41 3.92 -40.56 18.13
C ASP A 41 2.49 -40.25 17.64
N GLU A 42 1.83 -39.32 18.30
CA GLU A 42 0.52 -38.86 17.85
C GLU A 42 0.54 -37.37 17.53
N ILE A 43 -0.10 -37.03 16.42
CA ILE A 43 -0.15 -35.65 15.95
C ILE A 43 -1.59 -35.22 15.75
N VAL A 44 -1.90 -34.04 16.25
CA VAL A 44 -3.12 -33.33 15.90
C VAL A 44 -2.75 -32.02 15.18
N VAL A 45 -3.41 -31.75 14.06
CA VAL A 45 -3.19 -30.50 13.31
C VAL A 45 -4.42 -29.58 13.41
N VAL A 46 -4.18 -28.28 13.54
CA VAL A 46 -5.27 -27.33 13.62
C VAL A 46 -5.22 -26.36 12.43
N ASP A 47 -6.31 -26.31 11.66
CA ASP A 47 -6.45 -25.46 10.46
C ASP A 47 -5.41 -25.75 9.38
N GLY A 48 -5.55 -25.07 8.24
CA GLY A 48 -4.64 -25.22 7.12
C GLY A 48 -4.93 -24.12 6.11
N GLY A 49 -4.61 -22.90 6.49
CA GLY A 49 -5.05 -21.75 5.71
C GLY A 49 -4.14 -21.43 4.54
N LEU A 50 -4.55 -20.44 3.77
CA LEU A 50 -3.70 -19.86 2.76
C LEU A 50 -3.36 -18.43 3.18
N ALA A 51 -2.49 -17.80 2.40
CA ALA A 51 -2.20 -16.39 2.54
C ALA A 51 -2.33 -15.78 1.15
N PHE A 52 -2.60 -14.49 1.09
CA PHE A 52 -2.68 -13.82 -0.20
C PHE A 52 -1.36 -13.13 -0.46
N PRO A 53 -1.00 -13.02 -1.75
CA PRO A 53 0.31 -12.49 -2.11
C PRO A 53 0.43 -11.00 -1.78
N LYS A 54 1.62 -10.60 -1.34
CA LYS A 54 1.98 -9.19 -1.17
C LYS A 54 2.39 -8.59 -2.52
N ALA A 55 2.48 -7.27 -2.57
CA ALA A 55 2.80 -6.55 -3.80
C ALA A 55 4.04 -7.10 -4.52
N HIS A 56 5.06 -7.48 -3.74
CA HIS A 56 6.33 -7.95 -4.30
C HIS A 56 6.29 -9.39 -4.81
N GLN A 57 5.22 -10.11 -4.47
CA GLN A 57 5.07 -11.49 -4.91
C GLN A 57 4.19 -11.48 -6.15
N MET A 58 4.75 -10.92 -7.22
CA MET A 58 3.99 -10.57 -8.41
C MET A 58 3.57 -11.77 -9.24
N GLY A 59 2.32 -11.76 -9.66
CA GLY A 59 1.82 -12.79 -10.56
C GLY A 59 1.23 -14.00 -9.87
N ILE A 60 1.50 -14.19 -8.58
CA ILE A 60 1.05 -15.44 -7.97
C ILE A 60 -0.37 -15.29 -7.42
N ASP A 61 -1.05 -16.41 -7.24
CA ASP A 61 -2.48 -16.39 -6.89
C ASP A 61 -2.67 -16.51 -5.39
N LEU A 62 -2.03 -17.49 -4.78
CA LEU A 62 -2.17 -17.65 -3.35
C LEU A 62 -0.94 -18.36 -2.79
N ILE A 63 -0.85 -18.38 -1.48
CA ILE A 63 0.31 -18.94 -0.83
C ILE A 63 -0.15 -20.02 0.16
N VAL A 64 0.48 -21.17 0.12
CA VAL A 64 0.10 -22.24 1.04
C VAL A 64 1.30 -22.64 1.90
N PRO A 65 1.06 -23.28 3.06
CA PRO A 65 2.16 -23.61 3.96
C PRO A 65 3.03 -24.76 3.47
N ARG A 66 4.32 -24.72 3.79
CA ARG A 66 5.17 -25.87 3.59
C ARG A 66 4.77 -26.97 4.59
N ILE A 67 4.51 -28.18 4.11
CA ILE A 67 4.10 -29.27 5.00
C ILE A 67 5.10 -30.43 5.04
N ASP A 68 6.38 -30.12 4.81
CA ASP A 68 7.48 -31.08 4.93
C ASP A 68 7.38 -31.89 6.22
N TYR A 69 7.08 -31.21 7.32
CA TYR A 69 6.96 -31.90 8.61
C TYR A 69 5.88 -32.97 8.59
N LEU A 70 4.73 -32.61 8.05
CA LEU A 70 3.58 -33.49 8.05
C LEU A 70 3.78 -34.68 7.11
N LEU A 71 4.38 -34.44 5.95
CA LEU A 71 4.71 -35.53 5.03
C LEU A 71 5.66 -36.50 5.71
N GLU A 72 6.64 -35.96 6.42
CA GLU A 72 7.56 -36.81 7.15
C GLU A 72 6.86 -37.69 8.19
N HIS A 73 5.90 -37.13 8.90
CA HIS A 73 5.24 -37.85 9.99
C HIS A 73 3.78 -38.18 9.70
N GLN A 74 3.46 -38.42 8.43
CA GLN A 74 2.06 -38.50 8.03
C GLN A 74 1.31 -39.67 8.68
N ASP A 75 2.03 -40.74 9.00
CA ASP A 75 1.40 -41.88 9.66
C ASP A 75 1.05 -41.58 11.12
N LYS A 76 1.58 -40.48 11.66
CA LYS A 76 1.36 -40.13 13.07
C LYS A 76 0.13 -39.24 13.27
N ILE A 77 -0.43 -38.79 12.16
CA ILE A 77 -1.53 -37.83 12.18
C ILE A 77 -2.85 -38.52 12.50
N LYS A 78 -3.42 -38.14 13.64
CA LYS A 78 -4.65 -38.74 14.12
C LYS A 78 -5.87 -37.97 13.61
N GLY A 79 -5.70 -36.69 13.32
CA GLY A 79 -6.82 -35.89 12.85
C GLY A 79 -6.60 -34.40 12.76
N TRP A 80 -7.65 -33.73 12.30
CA TRP A 80 -7.65 -32.30 12.09
C TRP A 80 -8.77 -31.62 12.87
N ILE A 81 -8.47 -30.42 13.34
CA ILE A 81 -9.42 -29.48 13.89
C ILE A 81 -9.48 -28.24 13.00
N LEU A 82 -10.69 -27.85 12.60
CA LEU A 82 -10.91 -26.63 11.80
C LEU A 82 -11.76 -25.66 12.63
N THR A 83 -11.14 -24.55 13.02
CA THR A 83 -11.76 -23.59 13.94
C THR A 83 -12.86 -22.73 13.29
N HIS A 84 -12.64 -22.32 12.04
CA HIS A 84 -13.67 -21.60 11.28
C HIS A 84 -13.35 -21.52 9.80
N GLY A 85 -14.29 -21.01 9.01
CA GLY A 85 -14.23 -21.14 7.58
C GLY A 85 -13.56 -19.98 6.83
N HIS A 86 -12.78 -19.15 7.52
CA HIS A 86 -12.05 -18.09 6.81
C HIS A 86 -10.93 -18.66 5.95
N GLU A 87 -10.54 -17.93 4.90
CA GLU A 87 -9.57 -18.47 3.96
C GLU A 87 -8.21 -18.70 4.60
N ASP A 88 -7.81 -17.87 5.56
CA ASP A 88 -6.53 -18.13 6.20
C ASP A 88 -6.58 -19.28 7.24
N HIS A 89 -7.66 -20.09 7.22
CA HIS A 89 -7.74 -21.29 8.06
C HIS A 89 -8.15 -22.54 7.28
N ILE A 90 -8.84 -22.40 6.15
CA ILE A 90 -9.21 -23.59 5.36
C ILE A 90 -8.77 -23.55 3.88
N GLY A 91 -8.23 -22.41 3.45
CA GLY A 91 -7.84 -22.21 2.06
C GLY A 91 -6.72 -23.08 1.54
N GLY A 92 -5.80 -23.46 2.42
CA GLY A 92 -4.74 -24.37 2.03
C GLY A 92 -5.14 -25.86 1.99
N LEU A 93 -6.31 -26.19 2.49
CA LEU A 93 -6.69 -27.59 2.69
C LEU A 93 -6.77 -28.43 1.42
N PRO A 94 -7.30 -27.90 0.31
CA PRO A 94 -7.26 -28.74 -0.89
C PRO A 94 -5.82 -29.18 -1.26
N TYR A 95 -4.88 -28.26 -1.17
CA TYR A 95 -3.46 -28.51 -1.43
C TYR A 95 -2.83 -29.43 -0.39
N ILE A 96 -3.15 -29.25 0.88
CA ILE A 96 -2.58 -30.06 1.95
C ILE A 96 -3.17 -31.50 2.02
N PHE A 97 -4.49 -31.63 1.99
CA PHE A 97 -5.12 -32.95 2.11
C PHE A 97 -4.74 -33.89 0.98
N ALA A 98 -4.56 -33.35 -0.22
CA ALA A 98 -4.25 -34.18 -1.39
C ALA A 98 -2.92 -34.92 -1.23
N ARG A 99 -2.10 -34.47 -0.29
CA ARG A 99 -0.77 -35.03 -0.12
C ARG A 99 -0.68 -35.94 1.12
N LEU A 100 -1.79 -36.09 1.83
CA LEU A 100 -1.78 -36.76 3.12
C LEU A 100 -2.81 -37.89 3.18
N PRO A 101 -2.64 -38.83 4.13
CA PRO A 101 -3.66 -39.86 4.35
C PRO A 101 -4.98 -39.23 4.78
N ARG A 102 -6.10 -39.85 4.41
N ARG A 102 -6.09 -39.85 4.41
CA ARG A 102 -7.40 -39.43 4.92
CA ARG A 102 -7.39 -39.42 4.93
C ARG A 102 -7.43 -39.66 6.43
C ARG A 102 -7.41 -39.64 6.43
N VAL A 103 -7.76 -38.61 7.17
CA VAL A 103 -7.84 -38.67 8.63
C VAL A 103 -9.13 -37.95 9.01
N PRO A 104 -9.61 -38.14 10.24
CA PRO A 104 -10.82 -37.42 10.64
C PRO A 104 -10.59 -35.93 10.68
N VAL A 105 -11.52 -35.16 10.10
CA VAL A 105 -11.44 -33.72 10.12
C VAL A 105 -12.68 -33.14 10.78
N TYR A 106 -12.50 -32.53 11.94
CA TYR A 106 -13.62 -32.01 12.74
C TYR A 106 -13.83 -30.50 12.57
N GLY A 107 -15.08 -30.09 12.42
CA GLY A 107 -15.38 -28.67 12.37
C GLY A 107 -16.87 -28.44 12.58
N LEU A 108 -17.24 -27.21 12.89
CA LEU A 108 -18.64 -26.85 12.95
C LEU A 108 -19.28 -26.86 11.56
N PRO A 109 -20.63 -26.84 11.48
CA PRO A 109 -21.34 -27.05 10.20
C PRO A 109 -21.02 -26.06 9.06
N LEU A 110 -20.99 -24.76 9.33
CA LEU A 110 -20.69 -23.82 8.24
C LEU A 110 -19.28 -24.07 7.73
N THR A 111 -18.34 -24.24 8.66
CA THR A 111 -16.96 -24.54 8.31
C THR A 111 -16.84 -25.74 7.37
N LEU A 112 -17.53 -26.83 7.70
CA LEU A 112 -17.46 -28.02 6.86
C LEU A 112 -18.17 -27.80 5.52
N ALA A 113 -19.26 -27.04 5.54
CA ALA A 113 -19.95 -26.74 4.29
C ALA A 113 -18.98 -26.08 3.30
N LEU A 114 -18.23 -25.10 3.81
CA LEU A 114 -17.27 -24.34 3.01
C LEU A 114 -16.12 -25.22 2.51
N VAL A 115 -15.58 -26.04 3.39
CA VAL A 115 -14.50 -26.97 3.02
C VAL A 115 -14.98 -27.99 2.00
N ARG A 116 -16.18 -28.53 2.22
CA ARG A 116 -16.73 -29.52 1.30
C ARG A 116 -16.89 -28.97 -0.12
N GLU A 117 -17.43 -27.77 -0.22
CA GLU A 117 -17.58 -27.12 -1.52
C GLU A 117 -16.20 -26.92 -2.17
N LYS A 118 -15.24 -26.57 -1.33
CA LYS A 118 -13.88 -26.30 -1.75
C LYS A 118 -13.19 -27.57 -2.28
N LEU A 119 -13.41 -28.68 -1.59
CA LEU A 119 -12.80 -29.94 -2.01
C LEU A 119 -13.45 -30.46 -3.28
N SER A 120 -14.73 -30.18 -3.43
CA SER A 120 -15.47 -30.58 -4.62
C SER A 120 -14.95 -29.85 -5.86
N GLU A 121 -14.62 -28.58 -5.69
CA GLU A 121 -14.01 -27.81 -6.77
C GLU A 121 -12.67 -28.42 -7.16
N PHE A 122 -11.97 -28.96 -6.16
CA PHE A 122 -10.64 -29.54 -6.36
C PHE A 122 -10.71 -30.98 -6.87
N GLY A 123 -11.88 -31.61 -6.74
CA GLY A 123 -12.03 -32.99 -7.16
C GLY A 123 -11.55 -33.99 -6.14
N LEU A 124 -11.29 -33.51 -4.91
CA LEU A 124 -10.86 -34.40 -3.84
C LEU A 124 -12.02 -35.22 -3.30
N GLN A 125 -11.79 -36.53 -3.15
CA GLN A 125 -12.84 -37.46 -2.75
C GLN A 125 -12.52 -38.16 -1.44
N ASP A 126 -13.55 -38.63 -0.74
CA ASP A 126 -13.41 -39.41 0.48
C ASP A 126 -12.70 -38.67 1.63
N VAL A 127 -12.85 -37.35 1.71
CA VAL A 127 -12.32 -36.65 2.86
C VAL A 127 -13.28 -36.84 4.04
N ASP A 128 -12.74 -37.23 5.19
CA ASP A 128 -13.59 -37.62 6.33
C ASP A 128 -13.93 -36.42 7.23
N LEU A 129 -14.88 -35.60 6.78
CA LEU A 129 -15.35 -34.43 7.52
C LEU A 129 -16.38 -34.83 8.58
N ARG A 130 -16.14 -34.45 9.82
CA ARG A 130 -17.03 -34.82 10.90
C ARG A 130 -17.59 -33.60 11.59
N GLU A 131 -18.92 -33.45 11.53
CA GLU A 131 -19.59 -32.33 12.16
C GLU A 131 -19.50 -32.37 13.69
N VAL A 132 -19.05 -31.25 14.26
CA VAL A 132 -19.13 -31.12 15.70
C VAL A 132 -19.95 -29.90 16.06
N THR A 133 -20.23 -29.77 17.34
CA THR A 133 -20.91 -28.58 17.83
C THR A 133 -20.22 -28.16 19.12
N TYR A 134 -20.49 -26.94 19.56
CA TYR A 134 -19.90 -26.45 20.81
C TYR A 134 -20.18 -27.40 21.96
N GLY A 135 -19.15 -27.66 22.76
CA GLY A 135 -19.25 -28.57 23.89
C GLY A 135 -18.82 -29.98 23.56
N ASP A 136 -18.84 -30.37 22.29
CA ASP A 136 -18.39 -31.71 21.91
C ASP A 136 -16.94 -31.88 22.30
N GLU A 137 -16.63 -33.03 22.87
CA GLU A 137 -15.28 -33.42 23.20
C GLU A 137 -14.88 -34.58 22.29
N VAL A 138 -13.83 -34.35 21.52
CA VAL A 138 -13.38 -35.23 20.46
C VAL A 138 -12.04 -35.80 20.86
N ARG A 139 -11.81 -37.08 20.60
CA ARG A 139 -10.57 -37.73 21.00
C ARG A 139 -9.69 -37.99 19.79
N PHE A 140 -8.39 -37.78 19.96
CA PHE A 140 -7.45 -38.04 18.90
C PHE A 140 -6.38 -38.99 19.41
N GLY A 141 -6.34 -40.22 18.89
CA GLY A 141 -5.36 -41.18 19.36
C GLY A 141 -5.65 -41.45 20.82
N GLN A 142 -4.59 -41.63 21.61
CA GLN A 142 -4.77 -41.95 23.02
C GLN A 142 -4.50 -40.76 23.95
N SER A 143 -3.64 -39.83 23.54
CA SER A 143 -3.23 -38.76 24.46
C SER A 143 -3.88 -37.39 24.22
N PHE A 144 -4.78 -37.28 23.24
CA PHE A 144 -5.43 -36.00 22.98
C PHE A 144 -6.95 -36.05 23.07
N VAL A 145 -7.50 -35.05 23.76
CA VAL A 145 -8.92 -34.73 23.67
C VAL A 145 -9.10 -33.24 23.41
N ALA A 146 -9.93 -32.90 22.42
CA ALA A 146 -10.27 -31.49 22.16
C ALA A 146 -11.73 -31.23 22.46
N GLU A 147 -11.97 -30.15 23.18
CA GLU A 147 -13.33 -29.71 23.47
C GLU A 147 -13.57 -28.33 22.83
N PHE A 148 -14.61 -28.24 22.01
CA PHE A 148 -14.93 -27.01 21.32
C PHE A 148 -15.80 -26.07 22.16
N PHE A 149 -15.58 -24.76 21.99
CA PHE A 149 -16.40 -23.76 22.64
C PHE A 149 -16.54 -22.52 21.76
N CYS A 150 -17.62 -21.78 21.98
CA CYS A 150 -17.98 -20.69 21.11
C CYS A 150 -17.21 -19.43 21.44
N MET A 151 -16.65 -18.84 20.38
CA MET A 151 -16.11 -17.49 20.44
C MET A 151 -16.68 -16.69 19.28
N THR A 152 -17.25 -15.52 19.59
CA THR A 152 -17.76 -14.65 18.55
C THR A 152 -16.63 -14.21 17.66
N HIS A 153 -16.91 -14.15 16.36
CA HIS A 153 -15.90 -13.69 15.40
C HIS A 153 -16.67 -13.03 14.25
N SER A 154 -16.03 -12.78 13.12
CA SER A 154 -16.68 -12.11 11.98
C SER A 154 -17.31 -13.12 11.01
N ILE A 155 -17.28 -14.41 11.39
CA ILE A 155 -17.99 -15.46 10.66
C ILE A 155 -18.67 -16.39 11.68
N PRO A 156 -19.87 -16.93 11.36
CA PRO A 156 -20.51 -17.84 12.32
C PRO A 156 -19.80 -19.19 12.42
N ASP A 157 -20.15 -19.99 13.44
CA ASP A 157 -19.58 -21.32 13.61
C ASP A 157 -18.07 -21.26 13.81
N ASN A 158 -17.67 -20.33 14.66
CA ASN A 158 -16.27 -20.09 14.92
C ASN A 158 -15.98 -20.62 16.30
N ALA A 159 -14.94 -21.45 16.42
CA ALA A 159 -14.62 -22.11 17.68
C ALA A 159 -13.22 -21.80 18.20
N GLY A 160 -13.12 -21.76 19.53
CA GLY A 160 -11.86 -22.01 20.21
C GLY A 160 -11.95 -23.45 20.72
N TYR A 161 -10.89 -23.94 21.33
CA TYR A 161 -10.94 -25.30 21.86
C TYR A 161 -9.98 -25.43 23.00
N ILE A 162 -10.28 -26.38 23.88
CA ILE A 162 -9.35 -26.81 24.91
C ILE A 162 -8.80 -28.15 24.49
N LEU A 163 -7.48 -28.21 24.38
CA LEU A 163 -6.79 -29.42 23.99
C LEU A 163 -6.23 -30.07 25.24
N LYS A 164 -6.80 -31.23 25.60
CA LYS A 164 -6.39 -31.86 26.85
C LYS A 164 -5.31 -32.87 26.56
N THR A 165 -4.16 -32.71 27.20
CA THR A 165 -3.00 -33.54 26.92
C THR A 165 -2.41 -34.11 28.23
N PRO A 166 -1.53 -35.12 28.13
CA PRO A 166 -0.95 -35.68 29.36
C PRO A 166 -0.16 -34.69 30.21
N VAL A 167 0.23 -33.55 29.64
CA VAL A 167 1.04 -32.58 30.39
C VAL A 167 0.18 -31.45 30.94
N GLY A 168 -1.07 -31.37 30.50
CA GLY A 168 -1.96 -30.30 30.92
C GLY A 168 -2.91 -29.85 29.82
N ASP A 169 -3.53 -28.70 30.02
CA ASP A 169 -4.52 -28.19 29.07
C ASP A 169 -4.00 -27.01 28.28
N VAL A 170 -4.23 -27.04 26.96
CA VAL A 170 -3.92 -25.90 26.11
C VAL A 170 -5.22 -25.26 25.70
N LEU A 171 -5.36 -23.96 25.96
CA LEU A 171 -6.55 -23.26 25.52
C LEU A 171 -6.16 -22.39 24.34
N HIS A 172 -6.79 -22.66 23.21
CA HIS A 172 -6.58 -21.89 22.01
C HIS A 172 -7.88 -21.11 21.73
N THR A 173 -7.78 -19.78 21.77
CA THR A 173 -8.94 -18.91 21.55
C THR A 173 -9.55 -19.01 20.17
N GLY A 174 -8.79 -19.55 19.22
CA GLY A 174 -9.10 -19.40 17.82
C GLY A 174 -9.08 -17.91 17.51
N ASP A 175 -9.64 -17.52 16.37
CA ASP A 175 -9.93 -16.12 16.08
C ASP A 175 -11.08 -15.64 16.94
N PHE A 176 -10.97 -14.47 17.55
CA PHE A 176 -12.10 -13.96 18.33
C PHE A 176 -12.15 -12.47 18.58
N LYS A 177 -13.37 -12.01 18.82
CA LYS A 177 -13.63 -10.81 19.58
C LYS A 177 -14.60 -11.18 20.68
N ILE A 178 -14.83 -10.28 21.62
CA ILE A 178 -15.88 -10.49 22.60
C ILE A 178 -17.01 -9.56 22.27
N ASP A 179 -17.94 -10.03 21.42
CA ASP A 179 -19.08 -9.25 21.01
C ASP A 179 -20.31 -9.63 21.83
N PRO A 180 -20.82 -8.69 22.63
CA PRO A 180 -21.99 -8.98 23.47
C PRO A 180 -23.26 -9.27 22.68
N ASP A 181 -23.33 -8.74 21.45
CA ASP A 181 -24.53 -8.86 20.62
C ASP A 181 -24.19 -8.70 19.13
N VAL A 182 -24.15 -9.80 18.38
CA VAL A 182 -23.83 -9.71 16.95
C VAL A 182 -25.03 -9.23 16.15
N GLY A 183 -26.16 -9.03 16.84
CA GLY A 183 -27.28 -8.32 16.26
C GLY A 183 -28.26 -9.16 15.46
N THR A 184 -28.03 -10.46 15.36
CA THR A 184 -28.89 -11.30 14.54
C THR A 184 -30.00 -12.00 15.31
N GLY A 185 -30.16 -11.70 16.59
CA GLY A 185 -31.26 -12.27 17.37
C GLY A 185 -31.16 -13.75 17.68
N ALA A 186 -29.99 -14.34 17.44
CA ALA A 186 -29.83 -15.77 17.59
C ALA A 186 -29.19 -16.14 18.92
N GLY A 187 -28.98 -15.12 19.76
CA GLY A 187 -28.39 -15.30 21.08
C GLY A 187 -26.95 -15.79 21.07
N ILE A 188 -26.24 -15.56 19.99
CA ILE A 188 -24.83 -15.97 19.89
C ILE A 188 -23.91 -15.13 20.76
N VAL A 189 -23.19 -15.78 21.67
CA VAL A 189 -22.21 -15.11 22.52
C VAL A 189 -21.00 -16.01 22.77
N SER A 190 -19.87 -15.39 23.04
CA SER A 190 -18.64 -16.10 23.41
C SER A 190 -18.89 -16.86 24.69
N ASP A 191 -18.35 -18.07 24.78
CA ASP A 191 -18.56 -18.89 25.97
C ASP A 191 -17.57 -18.50 27.07
N LEU A 192 -17.75 -17.29 27.62
CA LEU A 192 -16.83 -16.81 28.64
C LEU A 192 -16.89 -17.65 29.91
N GLU A 193 -18.02 -18.31 30.13
CA GLU A 193 -18.14 -19.17 31.31
C GLU A 193 -17.20 -20.36 31.18
N ARG A 194 -17.14 -20.95 29.99
CA ARG A 194 -16.26 -22.10 29.76
C ARG A 194 -14.80 -21.66 29.88
N VAL A 195 -14.48 -20.51 29.32
CA VAL A 195 -13.14 -19.94 29.43
C VAL A 195 -12.75 -19.74 30.91
N GLU A 196 -13.65 -19.14 31.69
CA GLU A 196 -13.38 -18.89 33.10
C GLU A 196 -13.18 -20.19 33.87
N GLN A 197 -13.99 -21.20 33.54
CA GLN A 197 -13.89 -22.49 34.19
C GLN A 197 -12.51 -23.11 33.91
N ALA A 198 -12.07 -23.04 32.65
CA ALA A 198 -10.79 -23.61 32.25
C ALA A 198 -9.67 -23.00 33.06
N GLY A 199 -9.82 -21.70 33.36
CA GLY A 199 -8.87 -21.00 34.21
C GLY A 199 -8.81 -21.59 35.60
N LYS A 200 -9.98 -21.87 36.16
CA LYS A 200 -10.04 -22.49 37.49
C LYS A 200 -9.49 -23.92 37.43
N ASP A 201 -9.90 -24.68 36.41
CA ASP A 201 -9.36 -26.03 36.21
C ASP A 201 -7.85 -26.00 36.04
N GLY A 202 -7.35 -24.95 35.38
CA GLY A 202 -5.93 -24.83 35.14
C GLY A 202 -5.63 -24.83 33.66
N VAL A 203 -5.07 -23.72 33.19
CA VAL A 203 -4.63 -23.63 31.81
C VAL A 203 -3.10 -23.58 31.78
N LEU A 204 -2.50 -24.64 31.26
CA LEU A 204 -1.05 -24.70 31.12
C LEU A 204 -0.58 -23.69 30.05
N LEU A 205 -1.20 -23.72 28.88
CA LEU A 205 -0.78 -22.84 27.79
C LEU A 205 -1.96 -22.09 27.18
N LEU A 206 -1.80 -20.78 26.98
CA LEU A 206 -2.80 -20.02 26.25
C LEU A 206 -2.25 -19.66 24.86
N ILE A 207 -3.02 -19.95 23.80
CA ILE A 207 -2.69 -19.46 22.47
C ILE A 207 -3.80 -18.49 22.12
N SER A 208 -3.45 -17.24 21.83
CA SER A 208 -4.46 -16.20 21.70
C SER A 208 -4.27 -15.32 20.50
N ASP A 209 -5.39 -14.87 19.93
CA ASP A 209 -5.45 -14.09 18.72
C ASP A 209 -4.89 -12.68 18.90
N SER A 210 -3.81 -12.34 18.19
CA SER A 210 -3.09 -11.07 18.45
C SER A 210 -3.34 -9.96 17.44
N THR A 211 -4.25 -10.21 16.51
CA THR A 211 -4.46 -9.33 15.36
C THR A 211 -4.53 -7.87 15.76
N ASN A 212 -5.34 -7.59 16.79
CA ASN A 212 -5.62 -6.23 17.18
C ASN A 212 -4.99 -5.86 18.53
N ALA A 213 -3.84 -6.46 18.87
CA ALA A 213 -3.20 -6.23 20.16
C ALA A 213 -2.66 -4.82 20.32
N GLU A 214 -2.59 -4.08 19.23
CA GLU A 214 -2.12 -2.71 19.35
C GLU A 214 -3.28 -1.73 19.45
N ARG A 215 -4.52 -2.23 19.46
CA ARG A 215 -5.68 -1.33 19.53
C ARG A 215 -6.19 -1.27 20.95
N PRO A 216 -6.11 -0.06 21.57
CA PRO A 216 -6.63 0.16 22.92
C PRO A 216 -8.15 -0.04 22.91
N GLY A 217 -8.73 -0.32 24.07
CA GLY A 217 -10.18 -0.38 24.17
C GLY A 217 -10.81 -1.67 23.70
N HIS A 218 -12.02 -1.54 23.20
CA HIS A 218 -12.88 -2.69 22.90
C HIS A 218 -13.29 -2.55 21.43
N THR A 219 -13.25 -3.64 20.69
CA THR A 219 -13.73 -3.64 19.32
C THR A 219 -15.23 -3.41 19.34
N PRO A 220 -15.74 -2.55 18.44
CA PRO A 220 -17.17 -2.25 18.43
C PRO A 220 -18.01 -3.49 18.11
N SER A 221 -19.25 -3.49 18.60
CA SER A 221 -20.19 -4.59 18.40
C SER A 221 -20.85 -4.53 17.02
N GLU A 222 -21.13 -5.70 16.43
CA GLU A 222 -21.89 -5.75 15.18
C GLU A 222 -23.29 -5.15 15.32
N ALA A 223 -23.90 -5.26 16.50
CA ALA A 223 -25.21 -4.64 16.71
C ALA A 223 -25.11 -3.12 16.55
N GLU A 224 -24.04 -2.54 17.08
CA GLU A 224 -23.82 -1.10 16.94
C GLU A 224 -23.58 -0.71 15.47
N ILE A 225 -22.73 -1.47 14.76
CA ILE A 225 -22.53 -1.25 13.32
C ILE A 225 -23.85 -1.32 12.56
N ALA A 226 -24.68 -2.32 12.89
CA ALA A 226 -25.98 -2.48 12.26
C ALA A 226 -26.86 -1.26 12.52
N ARG A 227 -26.85 -0.78 13.75
CA ARG A 227 -27.60 0.43 14.07
C ARG A 227 -27.05 1.63 13.29
N ASN A 228 -25.72 1.74 13.15
CA ASN A 228 -25.18 2.86 12.39
C ASN A 228 -25.61 2.76 10.93
N LEU A 229 -25.60 1.54 10.38
CA LEU A 229 -25.93 1.34 8.98
C LEU A 229 -27.38 1.69 8.73
N GLU A 230 -28.25 1.28 9.63
CA GLU A 230 -29.67 1.54 9.47
C GLU A 230 -29.92 3.05 9.48
N GLU A 231 -29.26 3.78 10.37
CA GLU A 231 -29.44 5.23 10.44
C GLU A 231 -29.02 5.90 9.14
N ILE A 232 -27.88 5.49 8.61
CA ILE A 232 -27.36 6.02 7.35
C ILE A 232 -28.30 5.73 6.18
N ILE A 233 -28.69 4.46 6.05
CA ILE A 233 -29.49 4.03 4.91
C ILE A 233 -30.88 4.66 4.97
N LYS A 234 -31.44 4.71 6.17
CA LYS A 234 -32.70 5.40 6.42
C LYS A 234 -32.71 6.80 5.79
N GLY A 235 -31.56 7.46 5.77
CA GLY A 235 -31.48 8.81 5.21
C GLY A 235 -31.03 8.88 3.76
N CYS A 236 -30.87 7.73 3.10
CA CYS A 236 -30.47 7.72 1.70
C CYS A 236 -31.68 7.88 0.78
N ARG A 237 -31.65 8.93 -0.03
CA ARG A 237 -32.78 9.29 -0.87
C ARG A 237 -32.96 8.37 -2.08
N GLY A 238 -31.87 7.80 -2.57
CA GLY A 238 -31.90 6.98 -3.76
C GLY A 238 -31.43 5.55 -3.50
N ARG A 239 -30.86 4.93 -4.53
CA ARG A 239 -30.28 3.58 -4.42
C ARG A 239 -29.11 3.50 -3.46
N VAL A 240 -28.97 2.36 -2.82
CA VAL A 240 -27.83 2.16 -1.93
C VAL A 240 -27.01 0.98 -2.42
N PHE A 241 -25.71 1.19 -2.57
CA PHE A 241 -24.82 0.08 -2.89
C PHE A 241 -23.94 -0.11 -1.69
N LEU A 242 -23.86 -1.34 -1.20
CA LEU A 242 -23.07 -1.60 -0.03
C LEU A 242 -22.09 -2.71 -0.33
N THR A 243 -20.86 -2.53 0.10
CA THR A 243 -19.90 -3.62 0.01
C THR A 243 -19.36 -3.97 1.38
N THR A 244 -19.20 -5.27 1.62
CA THR A 244 -18.52 -5.72 2.81
C THR A 244 -17.80 -7.02 2.45
N PHE A 245 -17.04 -7.57 3.39
CA PHE A 245 -16.38 -8.85 3.10
C PHE A 245 -17.40 -9.93 2.79
N ALA A 246 -17.07 -10.78 1.82
CA ALA A 246 -17.97 -11.82 1.35
C ALA A 246 -18.46 -12.69 2.49
N SER A 247 -17.60 -12.94 3.46
CA SER A 247 -17.91 -13.94 4.48
C SER A 247 -18.49 -13.33 5.77
N GLN A 248 -18.70 -12.01 5.79
CA GLN A 248 -19.24 -11.39 7.01
C GLN A 248 -20.74 -11.65 7.08
N VAL A 249 -21.08 -12.87 7.46
CA VAL A 249 -22.45 -13.34 7.44
C VAL A 249 -23.33 -12.56 8.41
N TYR A 250 -22.79 -12.20 9.58
CA TYR A 250 -23.57 -11.46 10.57
C TYR A 250 -23.94 -10.09 10.03
N ARG A 251 -22.94 -9.39 9.50
CA ARG A 251 -23.11 -8.05 8.96
C ARG A 251 -24.15 -8.09 7.84
N ILE A 252 -24.03 -9.10 6.97
CA ILE A 252 -24.93 -9.24 5.84
C ILE A 252 -26.37 -9.52 6.30
N GLN A 253 -26.52 -10.45 7.23
CA GLN A 253 -27.83 -10.76 7.78
C GLN A 253 -28.50 -9.52 8.38
N ASN A 254 -27.75 -8.82 9.24
CA ASN A 254 -28.25 -7.58 9.84
C ASN A 254 -28.63 -6.56 8.77
N ILE A 255 -27.89 -6.56 7.66
CA ILE A 255 -28.20 -5.67 6.54
C ILE A 255 -29.48 -6.13 5.86
N LEU A 256 -29.69 -7.44 5.81
CA LEU A 256 -30.91 -7.96 5.22
C LEU A 256 -32.10 -7.53 6.07
N ASP A 257 -31.90 -7.49 7.38
CA ASP A 257 -33.01 -7.21 8.26
C ASP A 257 -33.38 -5.73 8.22
N LEU A 258 -32.38 -4.85 8.23
CA LEU A 258 -32.65 -3.43 8.21
C LEU A 258 -33.14 -3.02 6.84
N ALA A 259 -32.70 -3.71 5.79
CA ALA A 259 -33.18 -3.39 4.45
C ALA A 259 -34.69 -3.61 4.37
N HIS A 260 -35.15 -4.71 4.96
CA HIS A 260 -36.58 -5.02 5.00
C HIS A 260 -37.34 -3.95 5.80
N ARG A 261 -36.84 -3.60 6.97
CA ARG A 261 -37.48 -2.56 7.79
C ARG A 261 -37.54 -1.23 7.06
N GLN A 262 -36.50 -0.91 6.30
CA GLN A 262 -36.47 0.37 5.61
C GLN A 262 -37.12 0.29 4.23
N GLY A 263 -37.81 -0.81 3.96
CA GLY A 263 -38.57 -0.98 2.73
C GLY A 263 -37.73 -1.13 1.48
N ARG A 264 -36.54 -1.71 1.63
CA ARG A 264 -35.66 -1.94 0.50
C ARG A 264 -35.49 -3.43 0.18
N ARG A 265 -35.56 -3.79 -1.10
CA ARG A 265 -35.26 -5.16 -1.54
C ARG A 265 -33.78 -5.32 -1.84
N VAL A 266 -33.28 -6.54 -1.69
CA VAL A 266 -31.84 -6.77 -1.78
C VAL A 266 -31.42 -7.58 -3.01
N VAL A 267 -30.42 -7.08 -3.70
CA VAL A 267 -29.72 -7.82 -4.74
C VAL A 267 -28.34 -8.17 -4.24
N MET A 268 -27.99 -9.44 -4.30
CA MET A 268 -26.63 -9.81 -3.95
C MET A 268 -25.88 -10.11 -5.21
N GLU A 269 -24.69 -9.52 -5.37
CA GLU A 269 -23.86 -9.77 -6.53
C GLU A 269 -22.41 -10.03 -6.16
N GLY A 270 -21.76 -10.92 -6.89
CA GLY A 270 -20.38 -11.25 -6.63
C GLY A 270 -20.30 -12.70 -6.21
N ARG A 271 -19.60 -13.51 -7.00
CA ARG A 271 -19.55 -14.97 -6.77
C ARG A 271 -19.16 -15.32 -5.35
N SER A 272 -18.07 -14.71 -4.88
CA SER A 272 -17.55 -14.99 -3.55
C SER A 272 -18.60 -14.77 -2.45
N MET A 273 -19.35 -13.68 -2.55
CA MET A 273 -20.35 -13.41 -1.52
C MET A 273 -21.55 -14.35 -1.65
N ILE A 274 -21.95 -14.62 -2.89
CA ILE A 274 -23.02 -15.60 -3.14
C ILE A 274 -22.64 -16.98 -2.61
N LYS A 275 -21.37 -17.34 -2.71
CA LYS A 275 -20.87 -18.61 -2.19
C LYS A 275 -21.00 -18.69 -0.67
N TYR A 276 -20.54 -17.66 0.04
CA TYR A 276 -20.69 -17.67 1.49
C TYR A 276 -22.16 -17.62 1.89
N ALA A 277 -22.96 -16.89 1.14
CA ALA A 277 -24.38 -16.75 1.43
C ALA A 277 -25.09 -18.09 1.29
N GLN A 278 -24.75 -18.84 0.25
CA GLN A 278 -25.37 -20.13 0.03
C GLN A 278 -25.04 -21.10 1.16
N ALA A 279 -23.77 -21.14 1.56
CA ALA A 279 -23.38 -22.00 2.66
C ALA A 279 -24.07 -21.58 3.95
N ALA A 280 -24.18 -20.28 4.18
CA ALA A 280 -24.76 -19.76 5.42
C ALA A 280 -26.25 -20.09 5.49
N GLN A 281 -26.94 -19.99 4.36
CA GLN A 281 -28.38 -20.32 4.31
C GLN A 281 -28.60 -21.80 4.55
N ALA A 282 -27.76 -22.65 3.96
CA ALA A 282 -27.86 -24.11 4.11
C ALA A 282 -27.61 -24.56 5.55
N THR A 283 -26.87 -23.76 6.31
CA THR A 283 -26.57 -24.15 7.68
C THR A 283 -27.34 -23.29 8.69
N GLY A 284 -28.35 -22.58 8.22
CA GLY A 284 -29.23 -21.79 9.08
C GLY A 284 -28.64 -20.54 9.72
N HIS A 285 -27.60 -19.95 9.13
CA HIS A 285 -27.00 -18.73 9.67
C HIS A 285 -27.40 -17.50 8.87
N MET A 286 -28.01 -17.71 7.71
CA MET A 286 -28.54 -16.59 6.94
C MET A 286 -30.00 -16.84 6.62
N ASN A 287 -30.85 -15.89 7.01
CA ASN A 287 -32.30 -16.03 6.82
C ASN A 287 -32.90 -14.77 6.21
N PRO A 288 -32.96 -14.72 4.87
CA PRO A 288 -33.49 -13.49 4.27
C PRO A 288 -34.98 -13.33 4.57
N PRO A 289 -35.37 -12.19 5.14
CA PRO A 289 -36.79 -11.91 5.40
C PRO A 289 -37.57 -11.85 4.08
N GLU A 290 -36.93 -11.38 3.01
CA GLU A 290 -37.54 -11.43 1.69
C GLU A 290 -36.51 -12.01 0.72
N PRO A 291 -36.98 -12.70 -0.32
CA PRO A 291 -36.13 -13.26 -1.38
C PRO A 291 -35.16 -12.22 -1.97
N PHE A 292 -33.94 -12.65 -2.28
CA PHE A 292 -33.02 -11.84 -3.06
C PHE A 292 -33.63 -11.58 -4.42
N LEU A 293 -33.37 -10.41 -4.99
CA LEU A 293 -33.85 -10.10 -6.33
C LEU A 293 -32.69 -10.03 -7.32
N THR A 294 -32.99 -10.10 -8.62
CA THR A 294 -31.97 -9.83 -9.63
C THR A 294 -31.91 -8.32 -9.89
N SER A 295 -30.86 -7.86 -10.58
CA SER A 295 -30.73 -6.45 -10.89
C SER A 295 -31.88 -6.03 -11.80
N GLU A 296 -32.29 -6.94 -12.68
CA GLU A 296 -33.42 -6.67 -13.56
C GLU A 296 -34.71 -6.53 -12.77
N GLU A 297 -34.87 -7.37 -11.75
CA GLU A 297 -36.07 -7.32 -10.93
C GLU A 297 -36.14 -6.02 -10.13
N VAL A 298 -35.03 -5.58 -9.56
CA VAL A 298 -35.07 -4.35 -8.79
C VAL A 298 -35.12 -3.13 -9.69
N GLY A 299 -34.82 -3.30 -10.97
CA GLY A 299 -34.89 -2.20 -11.91
C GLY A 299 -36.33 -1.75 -12.06
N GLU A 300 -37.28 -2.57 -11.61
CA GLU A 300 -38.70 -2.25 -11.70
C GLU A 300 -39.15 -1.33 -10.56
N LEU A 301 -38.36 -1.29 -9.50
CA LEU A 301 -38.70 -0.53 -8.30
C LEU A 301 -38.10 0.88 -8.34
N GLN A 302 -38.56 1.74 -7.44
CA GLN A 302 -38.01 3.08 -7.31
C GLN A 302 -36.63 3.04 -6.65
N ASP A 303 -35.81 4.05 -6.92
CA ASP A 303 -34.43 4.09 -6.41
C ASP A 303 -34.37 3.88 -4.88
N GLN A 304 -35.31 4.49 -4.16
CA GLN A 304 -35.29 4.41 -2.69
C GLN A 304 -35.66 3.01 -2.17
N GLN A 305 -36.06 2.11 -3.07
CA GLN A 305 -36.40 0.74 -2.68
C GLN A 305 -35.28 -0.25 -2.97
N VAL A 306 -34.10 0.27 -3.28
CA VAL A 306 -33.03 -0.55 -3.85
C VAL A 306 -31.81 -0.61 -2.94
N LEU A 307 -31.34 -1.83 -2.68
CA LEU A 307 -30.07 -2.01 -1.98
C LEU A 307 -29.27 -3.16 -2.61
N PHE A 308 -28.05 -2.85 -3.04
CA PHE A 308 -27.12 -3.87 -3.52
C PHE A 308 -26.11 -4.18 -2.46
N VAL A 309 -25.95 -5.47 -2.20
CA VAL A 309 -24.86 -5.97 -1.38
C VAL A 309 -23.92 -6.70 -2.31
N CYS A 310 -22.66 -6.28 -2.36
N CYS A 310 -22.66 -6.28 -2.36
CA CYS A 310 -21.75 -6.88 -3.33
CA CYS A 310 -21.75 -6.84 -3.36
C CYS A 310 -20.28 -6.91 -2.93
C CYS A 310 -20.29 -6.91 -2.93
N THR A 311 -19.51 -7.60 -3.74
CA THR A 311 -18.08 -7.78 -3.51
C THR A 311 -17.32 -6.54 -3.98
N GLY A 312 -16.04 -6.51 -3.64
CA GLY A 312 -15.14 -5.49 -4.13
C GLY A 312 -14.70 -4.46 -3.12
N SER A 313 -14.84 -4.78 -1.84
CA SER A 313 -14.46 -3.87 -0.77
C SER A 313 -12.95 -3.58 -0.73
N GLN A 314 -12.16 -4.42 -1.39
CA GLN A 314 -10.71 -4.25 -1.37
C GLN A 314 -10.18 -3.61 -2.65
N GLY A 315 -11.10 -3.12 -3.48
CA GLY A 315 -10.74 -2.29 -4.62
C GLY A 315 -10.32 -3.07 -5.86
N GLN A 316 -10.57 -4.36 -5.84
CA GLN A 316 -10.33 -5.19 -7.03
C GLN A 316 -11.10 -4.62 -8.22
N PRO A 317 -10.39 -4.21 -9.29
CA PRO A 317 -11.10 -3.61 -10.43
C PRO A 317 -12.11 -4.57 -11.09
N MET A 318 -11.86 -5.87 -11.05
CA MET A 318 -12.77 -6.85 -11.67
C MET A 318 -13.93 -7.26 -10.77
N ALA A 319 -13.89 -6.88 -9.50
CA ALA A 319 -15.01 -7.18 -8.62
C ALA A 319 -16.21 -6.27 -8.93
N VAL A 320 -17.35 -6.56 -8.29
CA VAL A 320 -18.58 -5.84 -8.61
C VAL A 320 -18.46 -4.33 -8.35
N LEU A 321 -18.02 -3.95 -7.15
CA LEU A 321 -17.93 -2.51 -6.86
C LEU A 321 -16.90 -1.89 -7.80
N GLY A 322 -15.85 -2.64 -8.09
CA GLY A 322 -14.85 -2.21 -9.06
C GLY A 322 -15.46 -1.88 -10.41
N ARG A 323 -16.27 -2.78 -10.95
CA ARG A 323 -16.86 -2.55 -12.26
C ARG A 323 -17.82 -1.37 -12.21
N LEU A 324 -18.49 -1.21 -11.07
CA LEU A 324 -19.41 -0.09 -10.88
C LEU A 324 -18.62 1.22 -10.85
N ALA A 325 -17.51 1.23 -10.11
CA ALA A 325 -16.72 2.44 -9.97
C ALA A 325 -16.02 2.80 -11.28
N PHE A 326 -15.60 1.81 -12.06
CA PHE A 326 -14.87 2.08 -13.30
C PHE A 326 -15.79 2.14 -14.50
N GLY A 327 -17.10 2.04 -14.26
CA GLY A 327 -18.09 2.17 -15.30
C GLY A 327 -18.11 1.00 -16.26
N THR A 328 -17.64 -0.16 -15.83
CA THR A 328 -17.55 -1.31 -16.72
C THR A 328 -18.54 -2.41 -16.34
N HIS A 329 -19.50 -2.10 -15.48
CA HIS A 329 -20.47 -3.11 -15.08
C HIS A 329 -21.47 -3.30 -16.19
N ALA A 330 -21.78 -4.57 -16.47
CA ALA A 330 -22.58 -4.92 -17.63
C ALA A 330 -24.03 -4.42 -17.57
N LYS A 331 -24.62 -4.38 -16.38
CA LYS A 331 -26.06 -4.14 -16.28
C LYS A 331 -26.41 -2.88 -15.49
N ILE A 332 -25.48 -2.40 -14.66
CA ILE A 332 -25.76 -1.27 -13.80
C ILE A 332 -24.75 -0.18 -14.05
N ALA A 333 -25.21 1.07 -14.04
CA ALA A 333 -24.31 2.21 -14.04
C ALA A 333 -24.61 3.10 -12.84
N LEU A 334 -23.58 3.39 -12.05
CA LEU A 334 -23.75 4.35 -10.96
C LEU A 334 -24.06 5.74 -11.51
N ARG A 335 -24.76 6.53 -10.71
N ARG A 335 -24.77 6.53 -10.71
CA ARG A 335 -25.14 7.88 -11.11
CA ARG A 335 -25.12 7.89 -11.12
C ARG A 335 -25.21 8.82 -9.91
C ARG A 335 -25.20 8.81 -9.91
N ARG A 336 -25.22 10.12 -10.18
CA ARG A 336 -25.37 11.12 -9.13
C ARG A 336 -26.64 10.87 -8.33
N GLY A 337 -26.51 10.78 -7.01
CA GLY A 337 -27.66 10.54 -6.15
C GLY A 337 -27.60 9.17 -5.49
N ASP A 338 -26.84 8.25 -6.08
CA ASP A 338 -26.58 6.95 -5.46
C ASP A 338 -25.73 7.08 -4.20
N THR A 339 -25.89 6.12 -3.29
CA THR A 339 -25.04 6.11 -2.12
C THR A 339 -24.30 4.81 -2.15
N VAL A 340 -22.97 4.90 -2.04
CA VAL A 340 -22.20 3.69 -1.93
C VAL A 340 -21.56 3.61 -0.55
N ILE A 341 -21.76 2.48 0.11
CA ILE A 341 -21.24 2.29 1.44
C ILE A 341 -20.17 1.22 1.47
N LEU A 342 -19.00 1.56 1.98
CA LEU A 342 -17.96 0.56 2.16
C LEU A 342 -18.02 0.11 3.61
N SER A 343 -18.81 -0.93 3.89
CA SER A 343 -18.86 -1.49 5.23
C SER A 343 -17.66 -2.43 5.41
N SER A 344 -16.48 -1.82 5.48
N SER A 344 -16.48 -1.82 5.46
CA SER A 344 -15.21 -2.53 5.53
CA SER A 344 -15.21 -2.53 5.53
C SER A 344 -14.06 -1.55 5.67
C SER A 344 -14.05 -1.54 5.67
N ASN A 345 -12.88 -2.08 5.99
CA ASN A 345 -11.63 -1.32 5.98
C ASN A 345 -10.67 -2.01 5.02
N PRO A 346 -9.76 -1.24 4.43
CA PRO A 346 -8.80 -1.85 3.51
C PRO A 346 -7.90 -2.79 4.28
N ILE A 347 -7.71 -4.00 3.78
CA ILE A 347 -6.72 -4.91 4.36
C ILE A 347 -5.36 -4.30 4.05
N PRO A 348 -4.40 -4.41 4.95
CA PRO A 348 -3.16 -3.67 4.77
C PRO A 348 -2.55 -4.03 3.42
N GLY A 349 -2.14 -3.00 2.70
CA GLY A 349 -1.61 -3.13 1.36
C GLY A 349 -2.64 -2.90 0.27
N ASN A 350 -3.90 -2.78 0.64
CA ASN A 350 -4.95 -2.50 -0.32
C ASN A 350 -5.39 -1.03 -0.35
N GLU A 351 -4.73 -0.20 0.45
CA GLU A 351 -5.12 1.21 0.60
C GLU A 351 -5.24 1.93 -0.75
N ASP A 352 -4.22 1.81 -1.61
CA ASP A 352 -4.24 2.46 -2.91
C ASP A 352 -5.41 1.99 -3.79
N ALA A 353 -5.63 0.68 -3.83
CA ALA A 353 -6.70 0.13 -4.64
C ALA A 353 -8.05 0.67 -4.19
N VAL A 354 -8.26 0.72 -2.87
CA VAL A 354 -9.52 1.22 -2.33
C VAL A 354 -9.59 2.74 -2.55
N ASN A 355 -8.47 3.46 -2.34
CA ASN A 355 -8.45 4.91 -2.61
C ASN A 355 -8.83 5.22 -4.04
N LEU A 356 -8.35 4.40 -4.95
CA LEU A 356 -8.63 4.66 -6.36
C LEU A 356 -10.12 4.48 -6.64
N ILE A 357 -10.76 3.45 -6.08
CA ILE A 357 -12.20 3.28 -6.35
C ILE A 357 -13.00 4.39 -5.65
N VAL A 358 -12.58 4.77 -4.45
CA VAL A 358 -13.27 5.81 -3.68
C VAL A 358 -13.26 7.11 -4.54
N ASN A 359 -12.12 7.45 -5.09
CA ASN A 359 -12.04 8.67 -5.93
C ASN A 359 -12.87 8.53 -7.19
N ARG A 360 -12.85 7.35 -7.81
CA ARG A 360 -13.69 7.10 -8.98
C ARG A 360 -15.15 7.36 -8.63
N LEU A 361 -15.57 6.87 -7.48
CA LEU A 361 -16.94 7.08 -6.99
C LEU A 361 -17.26 8.56 -6.79
N TYR A 362 -16.37 9.32 -6.15
CA TYR A 362 -16.59 10.76 -5.98
C TYR A 362 -16.70 11.48 -7.31
N GLU A 363 -15.88 11.09 -8.28
CA GLU A 363 -15.95 11.72 -9.61
C GLU A 363 -17.26 11.40 -10.31
N ILE A 364 -17.80 10.21 -10.07
CA ILE A 364 -19.09 9.88 -10.66
C ILE A 364 -20.16 10.78 -10.01
N GLY A 365 -19.99 11.07 -8.72
CA GLY A 365 -20.92 11.96 -8.04
C GLY A 365 -21.81 11.25 -7.04
N VAL A 366 -21.52 9.99 -6.75
CA VAL A 366 -22.32 9.25 -5.78
C VAL A 366 -21.89 9.64 -4.36
N ASP A 367 -22.84 9.67 -3.43
CA ASP A 367 -22.49 9.83 -2.00
C ASP A 367 -21.69 8.62 -1.48
N VAL A 368 -20.45 8.85 -1.04
CA VAL A 368 -19.61 7.75 -0.58
C VAL A 368 -19.51 7.74 0.94
N VAL A 369 -19.76 6.57 1.52
CA VAL A 369 -19.77 6.35 2.97
C VAL A 369 -18.75 5.29 3.39
N TYR A 370 -17.81 5.66 4.25
CA TYR A 370 -16.76 4.75 4.69
C TYR A 370 -16.21 5.20 6.04
N PRO A 371 -15.47 4.31 6.72
CA PRO A 371 -14.77 4.72 7.93
C PRO A 371 -13.55 5.56 7.55
N PRO A 372 -13.07 6.42 8.47
CA PRO A 372 -13.57 6.60 9.83
C PRO A 372 -14.70 7.61 9.95
N THR A 373 -14.98 8.35 8.88
CA THR A 373 -16.08 9.31 8.88
C THR A 373 -17.40 8.72 9.38
N TYR A 374 -17.70 7.50 8.94
CA TYR A 374 -18.89 6.78 9.39
C TYR A 374 -18.44 5.46 10.01
N ARG A 375 -19.01 5.09 11.15
CA ARG A 375 -18.60 3.85 11.81
C ARG A 375 -19.42 2.71 11.24
N VAL A 376 -19.06 2.28 10.05
CA VAL A 376 -19.85 1.26 9.34
C VAL A 376 -19.06 -0.05 9.25
N HIS A 377 -18.02 -0.17 10.07
CA HIS A 377 -17.27 -1.42 10.15
C HIS A 377 -16.68 -1.72 11.52
N ALA A 378 -16.79 -2.99 11.91
CA ALA A 378 -16.15 -3.48 13.12
C ALA A 378 -15.28 -4.65 12.76
N SER A 379 -14.07 -4.66 13.29
CA SER A 379 -13.14 -5.75 13.07
C SER A 379 -13.68 -7.05 13.72
N GLY A 380 -13.18 -8.18 13.22
CA GLY A 380 -13.56 -9.47 13.76
C GLY A 380 -12.70 -9.89 14.94
N HIS A 381 -11.77 -9.03 15.34
CA HIS A 381 -10.76 -9.40 16.32
C HIS A 381 -10.78 -8.54 17.57
N ALA A 382 -10.54 -9.20 18.69
CA ALA A 382 -10.39 -8.57 19.98
C ALA A 382 -9.31 -7.49 20.05
N SER A 383 -9.69 -6.34 20.59
CA SER A 383 -8.76 -5.27 20.95
C SER A 383 -8.25 -5.52 22.36
N GLN A 384 -7.39 -4.64 22.87
CA GLN A 384 -6.68 -4.93 24.12
C GLN A 384 -7.56 -5.28 25.31
N GLU A 385 -8.72 -4.63 25.46
CA GLU A 385 -9.57 -4.91 26.63
C GLU A 385 -10.06 -6.36 26.59
N GLU A 386 -10.38 -6.81 25.38
CA GLU A 386 -10.88 -8.15 25.17
C GLU A 386 -9.75 -9.16 25.32
N LEU A 387 -8.56 -8.82 24.85
CA LEU A 387 -7.42 -9.71 25.01
C LEU A 387 -7.08 -9.88 26.49
N ALA A 388 -7.12 -8.76 27.21
CA ALA A 388 -6.86 -8.77 28.66
C ALA A 388 -7.90 -9.60 29.41
N THR A 389 -9.17 -9.51 29.01
CA THR A 389 -10.20 -10.33 29.63
C THR A 389 -9.89 -11.83 29.51
N ILE A 390 -9.53 -12.28 28.31
CA ILE A 390 -9.23 -13.70 28.12
C ILE A 390 -8.03 -14.10 28.96
N LEU A 391 -6.97 -13.29 28.92
CA LEU A 391 -5.80 -13.53 29.76
C LEU A 391 -6.17 -13.61 31.25
N ASN A 392 -6.98 -12.66 31.74
CA ASN A 392 -7.40 -12.69 33.15
C ASN A 392 -8.28 -13.87 33.52
N LEU A 393 -9.15 -14.30 32.62
CA LEU A 393 -10.02 -15.45 32.89
C LEU A 393 -9.25 -16.77 32.89
N THR A 394 -8.31 -16.93 31.95
CA THR A 394 -7.62 -18.19 31.81
C THR A 394 -6.43 -18.33 32.77
N ARG A 395 -5.85 -17.21 33.21
CA ARG A 395 -4.67 -17.22 34.07
C ARG A 395 -3.62 -18.27 33.68
N PRO A 396 -3.16 -18.27 32.43
CA PRO A 396 -2.28 -19.35 31.99
C PRO A 396 -0.92 -19.30 32.64
N LYS A 397 -0.29 -20.46 32.82
CA LYS A 397 1.11 -20.48 33.24
C LYS A 397 1.99 -20.01 32.10
N PHE A 398 1.69 -20.47 30.89
CA PHE A 398 2.52 -20.12 29.74
C PHE A 398 1.71 -19.49 28.61
N PHE A 399 2.34 -18.67 27.79
CA PHE A 399 1.60 -17.88 26.84
C PHE A 399 2.26 -17.79 25.47
N LEU A 400 1.50 -18.09 24.43
CA LEU A 400 1.96 -17.99 23.04
C LEU A 400 1.09 -17.00 22.24
N PRO A 401 1.50 -15.73 22.16
CA PRO A 401 0.69 -14.85 21.30
C PRO A 401 0.81 -15.28 19.84
N TRP A 402 -0.33 -15.41 19.18
CA TRP A 402 -0.43 -16.05 17.88
C TRP A 402 -1.31 -15.21 16.92
N HIS A 403 -1.41 -15.58 15.64
CA HIS A 403 -2.22 -14.86 14.62
C HIS A 403 -1.85 -13.37 14.56
N GLY A 404 -0.56 -13.09 14.37
CA GLY A 404 -0.10 -11.73 14.35
C GLY A 404 1.30 -11.67 13.83
N GLU A 405 1.64 -10.56 13.19
CA GLU A 405 3.02 -10.23 12.86
C GLU A 405 3.76 -9.96 14.17
N PRO A 406 5.10 -9.89 14.14
CA PRO A 406 5.87 -9.70 15.38
C PRO A 406 5.43 -8.47 16.19
N ARG A 407 5.07 -7.39 15.52
CA ARG A 407 4.59 -6.21 16.23
C ARG A 407 3.34 -6.54 17.03
N HIS A 408 2.51 -7.44 16.52
CA HIS A 408 1.26 -7.76 17.18
C HIS A 408 1.52 -8.73 18.33
N GLN A 409 2.36 -9.72 18.07
CA GLN A 409 2.69 -10.69 19.10
C GLN A 409 3.37 -10.03 20.31
N ILE A 410 4.32 -9.16 20.02
CA ILE A 410 5.11 -8.54 21.07
C ILE A 410 4.25 -7.58 21.91
N ASN A 411 3.35 -6.83 21.28
CA ASN A 411 2.49 -5.95 22.05
C ASN A 411 1.43 -6.76 22.81
N HIS A 412 1.03 -7.91 22.27
CA HIS A 412 0.17 -8.81 23.04
C HIS A 412 0.92 -9.25 24.28
N ALA A 413 2.20 -9.58 24.13
CA ALA A 413 3.01 -10.01 25.26
C ALA A 413 3.17 -8.89 26.30
N LYS A 414 3.37 -7.66 25.82
CA LYS A 414 3.47 -6.52 26.74
C LYS A 414 2.16 -6.29 27.48
N LEU A 415 1.04 -6.48 26.80
CA LEU A 415 -0.26 -6.35 27.45
C LEU A 415 -0.42 -7.35 28.61
N ALA A 416 0.00 -8.59 28.38
CA ALA A 416 -0.10 -9.65 29.39
C ALA A 416 0.73 -9.34 30.64
N GLN A 417 1.81 -8.58 30.47
CA GLN A 417 2.64 -8.24 31.63
C GLN A 417 1.94 -7.23 32.56
N THR A 418 0.99 -6.47 32.02
CA THR A 418 0.35 -5.42 32.82
C THR A 418 -0.73 -5.95 33.75
N LEU A 419 -1.08 -7.22 33.58
CA LEU A 419 -2.26 -7.79 34.23
C LEU A 419 -1.95 -8.29 35.65
N PRO A 420 -3.00 -8.56 36.44
CA PRO A 420 -2.76 -9.00 37.82
C PRO A 420 -1.92 -10.25 37.94
N ARG A 421 -2.10 -11.20 37.04
CA ARG A 421 -1.44 -12.50 37.18
C ARG A 421 -0.77 -12.89 35.88
N PRO A 422 0.37 -12.25 35.59
CA PRO A 422 1.05 -12.43 34.30
C PRO A 422 1.52 -13.87 34.13
N PRO A 423 1.62 -14.34 32.87
CA PRO A 423 2.03 -15.73 32.65
C PRO A 423 3.45 -15.94 33.17
N LYS A 424 3.81 -17.16 33.56
CA LYS A 424 5.17 -17.43 34.03
C LYS A 424 6.20 -17.11 32.95
N ARG A 425 5.92 -17.56 31.73
CA ARG A 425 6.76 -17.22 30.59
C ARG A 425 5.90 -17.06 29.36
N THR A 426 6.25 -16.07 28.56
CA THR A 426 5.63 -15.81 27.27
C THR A 426 6.69 -15.98 26.20
N LEU A 427 6.36 -16.70 25.13
CA LEU A 427 7.29 -16.88 24.01
C LEU A 427 6.75 -16.24 22.75
N ILE A 428 7.63 -15.70 21.94
CA ILE A 428 7.25 -15.15 20.65
C ILE A 428 7.68 -16.16 19.60
N ALA A 429 6.76 -17.04 19.21
CA ALA A 429 7.08 -18.14 18.30
C ALA A 429 7.18 -17.67 16.84
N LYS A 430 7.96 -18.40 16.06
CA LYS A 430 8.08 -18.21 14.62
C LYS A 430 7.61 -19.48 13.91
N ASN A 431 7.13 -19.39 12.67
CA ASN A 431 6.85 -20.63 11.95
C ASN A 431 8.07 -21.53 11.94
N GLY A 432 7.85 -22.83 12.15
CA GLY A 432 8.96 -23.76 12.19
C GLY A 432 9.54 -24.01 13.58
N ASP A 433 9.22 -23.15 14.54
CA ASP A 433 9.64 -23.36 15.93
C ASP A 433 9.02 -24.60 16.57
N ILE A 434 9.85 -25.40 17.25
CA ILE A 434 9.37 -26.50 18.06
C ILE A 434 9.24 -26.00 19.48
N VAL A 435 8.02 -25.75 19.92
CA VAL A 435 7.84 -25.26 21.28
C VAL A 435 7.52 -26.41 22.22
N ASN A 436 8.46 -26.70 23.11
CA ASN A 436 8.29 -27.78 24.07
C ASN A 436 7.48 -27.33 25.27
N LEU A 437 6.44 -28.09 25.56
CA LEU A 437 5.55 -27.76 26.67
C LEU A 437 5.54 -28.86 27.70
N GLY A 438 5.95 -28.53 28.92
CA GLY A 438 5.80 -29.43 30.05
C GLY A 438 5.04 -28.73 31.16
N PRO A 439 4.69 -29.46 32.22
CA PRO A 439 4.11 -28.87 33.44
C PRO A 439 4.90 -27.66 33.94
N ASP A 440 6.21 -27.69 33.81
CA ASP A 440 7.07 -26.57 34.15
C ASP A 440 8.14 -26.35 33.07
N GLU A 441 7.81 -26.73 31.83
CA GLU A 441 8.70 -26.48 30.70
C GLU A 441 8.01 -25.65 29.63
N PHE A 442 8.70 -24.64 29.13
CA PHE A 442 8.17 -23.81 28.04
C PHE A 442 9.33 -23.16 27.32
N ARG A 443 9.77 -23.78 26.24
CA ARG A 443 10.95 -23.30 25.54
C ARG A 443 10.94 -23.74 24.07
N VAL A 444 11.62 -23.00 23.21
CA VAL A 444 11.84 -23.49 21.85
C VAL A 444 13.04 -24.42 21.87
N SER A 445 12.82 -25.71 21.58
CA SER A 445 13.90 -26.68 21.62
C SER A 445 14.64 -26.79 20.29
N GLY A 446 13.96 -26.44 19.20
CA GLY A 446 14.55 -26.53 17.88
C GLY A 446 13.62 -26.05 16.78
N THR A 447 13.94 -26.40 15.55
CA THR A 447 13.19 -25.90 14.39
C THR A 447 12.89 -27.02 13.40
N VAL A 448 11.78 -26.92 12.69
CA VAL A 448 11.48 -27.85 11.62
C VAL A 448 11.26 -27.05 10.35
N ALA A 449 11.38 -27.71 9.20
CA ALA A 449 11.17 -27.06 7.91
C ALA A 449 9.80 -26.38 7.84
N ALA A 450 9.79 -25.07 7.60
CA ALA A 450 8.54 -24.37 7.41
C ALA A 450 8.74 -23.24 6.43
N GLY A 451 7.65 -22.75 5.86
CA GLY A 451 7.75 -21.64 4.93
C GLY A 451 6.55 -21.53 4.03
N ALA A 452 6.77 -20.89 2.87
CA ALA A 452 5.70 -20.62 1.92
C ALA A 452 5.90 -21.43 0.64
N VAL A 453 4.79 -21.81 0.03
CA VAL A 453 4.81 -22.44 -1.28
C VAL A 453 3.85 -21.62 -2.12
N TYR A 454 4.32 -21.17 -3.28
CA TYR A 454 3.53 -20.29 -4.11
C TYR A 454 2.68 -21.10 -5.06
N VAL A 455 1.43 -20.70 -5.21
CA VAL A 455 0.55 -21.26 -6.21
C VAL A 455 0.38 -20.21 -7.30
N ASP A 456 0.67 -20.60 -8.53
CA ASP A 456 0.58 -19.68 -9.67
C ASP A 456 -0.09 -20.39 -10.83
N GLY A 457 -1.35 -20.10 -11.08
CA GLY A 457 -2.13 -20.90 -11.99
C GLY A 457 -2.20 -22.33 -11.47
N LEU A 458 -2.01 -23.30 -12.36
CA LEU A 458 -2.02 -24.72 -11.98
C LEU A 458 -0.78 -25.10 -11.18
N GLY A 459 0.26 -24.29 -11.29
CA GLY A 459 1.53 -24.59 -10.67
C GLY A 459 1.54 -24.44 -9.16
N VAL A 460 1.97 -25.49 -8.46
CA VAL A 460 2.22 -25.42 -7.03
C VAL A 460 3.71 -25.56 -6.80
N GLY A 461 4.34 -24.50 -6.30
CA GLY A 461 5.75 -24.54 -6.02
C GLY A 461 6.68 -24.39 -7.22
N ASP A 462 6.14 -24.28 -8.43
CA ASP A 462 7.03 -24.11 -9.59
C ASP A 462 7.51 -22.64 -9.71
N VAL A 463 6.83 -21.74 -9.02
CA VAL A 463 7.30 -20.37 -8.89
C VAL A 463 7.93 -20.17 -7.52
N ASN A 464 9.22 -19.88 -7.48
CA ASN A 464 9.87 -19.60 -6.19
C ASN A 464 10.41 -18.18 -6.15
N ASP A 465 11.14 -17.85 -5.07
CA ASP A 465 11.65 -16.49 -4.88
C ASP A 465 12.64 -16.11 -5.97
N ASP A 466 13.43 -17.06 -6.43
CA ASP A 466 14.37 -16.77 -7.50
C ASP A 466 13.62 -16.37 -8.76
N VAL A 467 12.55 -17.08 -9.07
CA VAL A 467 11.70 -16.69 -10.20
C VAL A 467 11.07 -15.32 -9.96
N LEU A 468 10.68 -15.02 -8.71
CA LEU A 468 10.06 -13.73 -8.41
C LEU A 468 11.05 -12.58 -8.56
N LEU A 469 12.31 -12.85 -8.24
CA LEU A 469 13.37 -11.87 -8.35
C LEU A 469 13.51 -11.38 -9.81
N ASP A 470 13.49 -12.31 -10.76
CA ASP A 470 13.47 -11.95 -12.17
C ASP A 470 12.28 -11.07 -12.53
N ARG A 471 11.09 -11.50 -12.11
CA ARG A 471 9.87 -10.74 -12.36
C ARG A 471 9.99 -9.30 -11.84
N VAL A 472 10.58 -9.14 -10.65
CA VAL A 472 10.82 -7.80 -10.11
C VAL A 472 11.71 -6.99 -11.03
N ASN A 473 12.88 -7.53 -11.36
CA ASN A 473 13.84 -6.84 -12.22
C ASN A 473 13.23 -6.45 -13.56
N LEU A 474 12.47 -7.38 -14.16
CA LEU A 474 11.79 -7.08 -15.43
C LEU A 474 10.82 -5.94 -15.23
N SER A 475 10.12 -5.98 -14.10
CA SER A 475 9.14 -4.98 -13.75
C SER A 475 9.74 -3.58 -13.63
N GLN A 476 10.94 -3.48 -13.07
CA GLN A 476 11.60 -2.20 -12.81
C GLN A 476 12.33 -1.64 -14.03
N GLU A 477 13.10 -2.49 -14.70
CA GLU A 477 14.10 -2.02 -15.65
C GLU A 477 13.80 -2.42 -17.08
N GLY A 478 12.77 -3.25 -17.28
CA GLY A 478 12.44 -3.75 -18.59
C GLY A 478 13.52 -4.65 -19.14
N LEU A 479 13.42 -4.99 -20.42
CA LEU A 479 14.25 -6.04 -21.00
C LEU A 479 14.98 -5.64 -22.30
N LEU A 480 16.27 -5.97 -22.39
CA LEU A 480 17.02 -5.82 -23.65
C LEU A 480 17.67 -7.15 -24.08
N ILE A 481 17.29 -7.63 -25.26
CA ILE A 481 17.92 -8.82 -25.83
C ILE A 481 18.97 -8.46 -26.90
N LEU A 482 20.23 -8.76 -26.60
CA LEU A 482 21.30 -8.54 -27.54
C LEU A 482 21.71 -9.86 -28.16
N THR A 483 21.46 -10.02 -29.46
CA THR A 483 21.92 -11.21 -30.15
C THR A 483 22.96 -10.83 -31.19
N ALA A 484 24.16 -11.36 -31.04
CA ALA A 484 25.23 -11.13 -31.99
C ALA A 484 25.38 -12.29 -32.97
N VAL A 485 25.43 -11.98 -34.27
CA VAL A 485 25.57 -13.03 -35.28
C VAL A 485 26.95 -12.94 -35.92
N LEU A 486 27.74 -14.00 -35.79
CA LEU A 486 29.13 -13.96 -36.24
C LEU A 486 29.29 -13.94 -37.75
N HIS A 487 28.32 -14.50 -38.48
CA HIS A 487 28.47 -14.63 -39.92
C HIS A 487 27.35 -13.93 -40.71
N PRO A 488 27.66 -13.51 -41.96
CA PRO A 488 28.97 -13.55 -42.62
C PRO A 488 29.97 -12.62 -41.94
N THR A 489 29.50 -11.43 -41.60
CA THR A 489 30.27 -10.47 -40.82
C THR A 489 29.55 -10.28 -39.50
N PRO A 490 30.31 -10.24 -38.39
CA PRO A 490 29.62 -10.07 -37.10
C PRO A 490 28.77 -8.81 -37.07
N HIS A 491 27.49 -8.97 -36.76
CA HIS A 491 26.58 -7.86 -36.51
C HIS A 491 25.79 -8.14 -35.24
N VAL A 492 25.24 -7.11 -34.62
CA VAL A 492 24.49 -7.32 -33.37
C VAL A 492 23.02 -6.97 -33.56
N GLU A 493 22.14 -7.69 -32.86
CA GLU A 493 20.71 -7.45 -32.92
C GLU A 493 20.16 -7.03 -31.55
N VAL A 494 19.35 -5.98 -31.51
CA VAL A 494 18.76 -5.51 -30.26
C VAL A 494 17.24 -5.65 -30.23
N VAL A 495 16.73 -6.38 -29.25
CA VAL A 495 15.30 -6.45 -29.02
C VAL A 495 14.95 -5.96 -27.61
N ALA A 496 14.06 -4.98 -27.54
CA ALA A 496 13.70 -4.40 -26.25
C ALA A 496 12.23 -4.69 -25.91
N ARG A 497 11.97 -5.02 -24.65
CA ARG A 497 10.61 -5.18 -24.17
C ARG A 497 10.42 -4.38 -22.88
N GLY A 498 9.46 -3.46 -22.89
CA GLY A 498 9.20 -2.59 -21.75
C GLY A 498 10.41 -1.80 -21.27
N PHE A 499 11.30 -1.45 -22.18
CA PHE A 499 12.47 -0.66 -21.79
C PHE A 499 12.19 0.82 -21.99
N ALA A 500 12.02 1.20 -23.25
CA ALA A 500 11.68 2.58 -23.62
C ALA A 500 10.92 2.52 -24.93
N ARG A 501 10.27 3.62 -25.30
CA ARG A 501 9.55 3.65 -26.58
C ARG A 501 10.59 3.71 -27.70
N PRO A 502 10.21 3.29 -28.92
CA PRO A 502 11.17 3.21 -30.04
C PRO A 502 12.08 4.43 -30.21
N ASN A 503 13.38 4.16 -30.36
CA ASN A 503 14.41 5.18 -30.51
C ASN A 503 15.53 4.64 -31.40
N ARG A 504 15.46 4.95 -32.69
CA ARG A 504 16.40 4.41 -33.66
C ARG A 504 17.86 4.81 -33.38
N ASP A 505 18.09 6.04 -32.96
CA ASP A 505 19.45 6.51 -32.64
C ASP A 505 20.10 5.67 -31.53
N LEU A 506 19.39 5.52 -30.42
CA LEU A 506 19.92 4.75 -29.28
C LEU A 506 20.13 3.28 -29.64
N GLU A 507 19.22 2.74 -30.45
CA GLU A 507 19.31 1.35 -30.85
C GLU A 507 20.62 1.08 -31.63
N LEU A 508 20.97 1.98 -32.54
CA LEU A 508 22.20 1.84 -33.30
C LEU A 508 23.42 2.02 -32.39
N GLN A 509 23.30 2.95 -31.44
CA GLN A 509 24.37 3.21 -30.49
C GLN A 509 24.68 1.99 -29.62
N ILE A 510 23.65 1.25 -29.24
CA ILE A 510 23.83 0.05 -28.42
C ILE A 510 24.47 -1.06 -29.24
N ARG A 511 24.15 -1.10 -30.53
CA ARG A 511 24.70 -2.11 -31.42
C ARG A 511 26.22 -2.05 -31.53
N ARG A 512 26.75 -0.84 -31.71
CA ARG A 512 28.19 -0.62 -31.87
C ARG A 512 28.96 -1.05 -30.62
N VAL A 513 28.39 -0.78 -29.46
CA VAL A 513 29.06 -1.00 -28.19
C VAL A 513 29.24 -2.49 -27.97
N ALA A 514 28.16 -3.23 -28.19
CA ALA A 514 28.20 -4.68 -28.13
C ALA A 514 29.16 -5.22 -29.20
N LEU A 515 28.98 -4.78 -30.44
CA LEU A 515 29.77 -5.29 -31.56
C LEU A 515 31.28 -5.18 -31.34
N GLU A 516 31.74 -3.98 -31.00
CA GLU A 516 33.16 -3.74 -30.75
C GLU A 516 33.71 -4.64 -29.64
N ALA A 517 32.85 -5.03 -28.70
CA ALA A 517 33.22 -5.98 -27.67
C ALA A 517 33.21 -7.41 -28.22
N VAL A 518 32.34 -7.66 -29.20
CA VAL A 518 32.29 -8.95 -29.85
C VAL A 518 33.50 -9.12 -30.76
N GLU A 519 33.84 -8.07 -31.50
CA GLU A 519 35.01 -8.07 -32.37
C GLU A 519 36.32 -8.14 -31.57
N GLN A 520 36.30 -7.57 -30.38
CA GLN A 520 37.49 -7.58 -29.52
C GLN A 520 37.70 -8.96 -28.92
N GLY A 521 36.60 -9.71 -28.77
CA GLY A 521 36.66 -11.10 -28.37
C GLY A 521 37.05 -11.96 -29.55
N LEU A 522 37.07 -11.36 -30.74
CA LEU A 522 37.52 -12.04 -31.95
C LEU A 522 38.91 -11.52 -32.35
N ARG A 523 39.16 -10.22 -32.11
CA ARG A 523 40.49 -9.65 -32.29
C ARG A 523 41.48 -10.31 -31.33
N GLU A 524 40.97 -10.63 -30.14
CA GLU A 524 41.71 -11.42 -29.16
C GLU A 524 40.85 -12.62 -28.80
N LYS A 525 41.15 -13.78 -29.37
CA LYS A 525 40.30 -14.96 -29.24
C LYS A 525 39.96 -15.34 -27.80
N LYS A 526 38.65 -15.43 -27.54
CA LYS A 526 38.12 -15.90 -26.26
C LYS A 526 36.99 -16.87 -26.56
N ARG A 527 36.60 -17.68 -25.58
CA ARG A 527 35.48 -18.59 -25.80
C ARG A 527 34.23 -17.75 -26.07
N LEU A 528 33.34 -18.28 -26.89
CA LEU A 528 32.12 -17.58 -27.26
C LEU A 528 31.33 -17.24 -25.99
N GLU A 529 31.38 -18.15 -25.02
CA GLU A 529 30.79 -17.93 -23.71
C GLU A 529 31.44 -16.74 -23.01
N ASP A 530 32.74 -16.56 -23.22
CA ASP A 530 33.47 -15.44 -22.63
C ASP A 530 33.11 -14.12 -23.31
N VAL A 531 32.93 -14.15 -24.62
CA VAL A 531 32.60 -12.94 -25.37
C VAL A 531 31.19 -12.44 -25.04
N ARG A 532 30.27 -13.37 -24.85
CA ARG A 532 28.89 -13.04 -24.47
C ARG A 532 28.86 -12.19 -23.21
N ASP A 533 29.71 -12.55 -22.24
CA ASP A 533 29.81 -11.80 -21.00
C ASP A 533 30.46 -10.45 -21.22
N ASP A 534 31.38 -10.39 -22.18
CA ASP A 534 32.12 -9.16 -22.46
C ASP A 534 31.23 -8.06 -23.03
N MET A 535 30.35 -8.42 -23.96
CA MET A 535 29.48 -7.43 -24.60
C MET A 535 28.34 -7.01 -23.66
N TYR A 536 27.88 -7.96 -22.86
CA TYR A 536 26.91 -7.70 -21.80
C TYR A 536 27.42 -6.57 -20.90
N GLY A 537 28.69 -6.66 -20.52
CA GLY A 537 29.29 -5.70 -19.63
C GLY A 537 29.50 -4.36 -20.28
N ALA A 538 29.75 -4.39 -21.58
CA ALA A 538 29.93 -3.15 -22.34
C ALA A 538 28.60 -2.40 -22.48
N VAL A 539 27.56 -3.13 -22.84
CA VAL A 539 26.25 -2.55 -23.06
C VAL A 539 25.67 -2.04 -21.75
N ARG A 540 25.92 -2.76 -20.66
CA ARG A 540 25.53 -2.34 -19.33
C ARG A 540 26.17 -1.00 -18.93
N ARG A 541 27.47 -0.89 -19.20
CA ARG A 541 28.22 0.33 -18.87
C ARG A 541 27.75 1.52 -19.69
N PHE A 542 27.58 1.30 -20.99
CA PHE A 542 27.12 2.36 -21.91
C PHE A 542 25.74 2.86 -21.54
N THR A 543 24.81 1.92 -21.42
CA THR A 543 23.41 2.22 -21.12
C THR A 543 23.28 2.98 -19.81
N ARG A 544 24.05 2.55 -18.81
CA ARG A 544 24.07 3.20 -17.50
C ARG A 544 24.53 4.66 -17.62
N LYS A 545 25.57 4.87 -18.41
CA LYS A 545 26.05 6.22 -18.69
C LYS A 545 25.07 6.97 -19.57
N ALA A 546 24.60 6.32 -20.64
CA ALA A 546 23.73 6.96 -21.62
C ALA A 546 22.32 7.28 -21.10
N THR A 547 21.71 6.33 -20.41
CA THR A 547 20.31 6.47 -20.00
C THR A 547 20.10 6.55 -18.49
N GLY A 548 21.10 6.13 -17.72
CA GLY A 548 20.97 6.06 -16.28
C GLY A 548 20.19 4.82 -15.86
N ARG A 549 19.85 3.97 -16.81
CA ARG A 549 19.04 2.80 -16.53
C ARG A 549 19.87 1.52 -16.53
N ASN A 550 19.39 0.52 -15.79
CA ASN A 550 20.06 -0.77 -15.74
C ASN A 550 19.14 -1.89 -16.20
N PRO A 551 18.74 -1.88 -17.48
CA PRO A 551 17.80 -2.89 -17.98
C PRO A 551 18.36 -4.29 -17.85
N VAL A 552 17.51 -5.28 -17.62
CA VAL A 552 17.98 -6.65 -17.65
C VAL A 552 18.43 -6.99 -19.08
N LEU A 553 19.71 -7.32 -19.24
CA LEU A 553 20.22 -7.64 -20.57
C LEU A 553 20.48 -9.14 -20.74
N ILE A 554 19.86 -9.70 -21.77
CA ILE A 554 20.03 -11.11 -22.10
C ILE A 554 20.84 -11.27 -23.40
N PRO A 555 22.16 -11.45 -23.28
CA PRO A 555 23.00 -11.58 -24.46
C PRO A 555 23.07 -13.01 -25.00
N MET A 556 23.07 -13.13 -26.33
CA MET A 556 23.22 -14.41 -27.02
C MET A 556 24.22 -14.24 -28.17
N ILE A 557 25.30 -15.00 -28.16
CA ILE A 557 26.24 -14.95 -29.27
C ILE A 557 26.04 -16.15 -30.18
N VAL A 558 24.81 -16.34 -30.63
CA VAL A 558 24.45 -17.49 -31.43
C VAL A 558 23.44 -17.13 -32.51
N ALA B 16 -15.64 42.51 -22.13
CA ALA B 16 -15.65 41.93 -20.79
C ALA B 16 -14.58 40.83 -20.63
N PRO B 17 -13.30 41.21 -20.70
CA PRO B 17 -12.20 40.23 -20.60
C PRO B 17 -12.22 39.47 -19.28
N THR B 18 -11.95 38.17 -19.33
CA THR B 18 -11.98 37.34 -18.12
C THR B 18 -10.62 36.80 -17.76
N LEU B 19 -10.45 36.47 -16.48
CA LEU B 19 -9.25 35.79 -16.02
C LEU B 19 -9.40 34.30 -16.31
N GLU B 20 -8.36 33.69 -16.88
CA GLU B 20 -8.30 32.24 -17.07
C GLU B 20 -7.41 31.59 -16.01
N VAL B 21 -7.99 30.72 -15.19
CA VAL B 21 -7.22 29.93 -14.22
C VAL B 21 -7.04 28.53 -14.78
N ILE B 22 -5.81 28.16 -15.09
CA ILE B 22 -5.53 26.92 -15.77
C ILE B 22 -4.60 26.04 -14.95
N PRO B 23 -5.17 25.13 -14.16
CA PRO B 23 -4.26 24.25 -13.41
C PRO B 23 -3.62 23.24 -14.35
N LEU B 24 -2.30 23.08 -14.29
CA LEU B 24 -1.65 22.08 -15.12
C LEU B 24 -1.26 20.84 -14.32
N GLY B 25 -1.28 20.97 -12.99
CA GLY B 25 -0.97 19.86 -12.09
C GLY B 25 -1.34 20.25 -10.67
N GLY B 26 -1.76 19.29 -9.86
CA GLY B 26 -2.08 19.59 -8.48
C GLY B 26 -3.58 19.57 -8.17
N MET B 27 -4.40 19.53 -9.21
CA MET B 27 -5.84 19.34 -9.05
C MET B 27 -6.13 17.87 -9.23
N GLY B 28 -6.95 17.28 -8.36
CA GLY B 28 -7.35 15.89 -8.52
C GLY B 28 -6.22 14.96 -8.17
N GLU B 29 -5.23 15.49 -7.50
CA GLU B 29 -4.05 14.73 -7.10
C GLU B 29 -3.37 15.48 -5.99
N ILE B 30 -2.56 14.77 -5.22
CA ILE B 30 -1.62 15.40 -4.33
C ILE B 30 -0.22 15.28 -4.96
N GLY B 31 0.29 16.38 -5.51
CA GLY B 31 1.57 16.30 -6.21
C GLY B 31 1.64 17.12 -7.48
N LYS B 32 2.87 17.42 -7.89
CA LYS B 32 3.16 18.11 -9.14
C LYS B 32 2.32 19.36 -9.34
N ASN B 33 2.22 20.17 -8.29
CA ASN B 33 1.46 21.42 -8.37
C ASN B 33 2.09 22.39 -9.36
N ILE B 34 1.27 22.92 -10.27
CA ILE B 34 1.62 24.03 -11.16
C ILE B 34 0.33 24.65 -11.66
N THR B 35 0.17 25.95 -11.45
CA THR B 35 -1.07 26.64 -11.82
C THR B 35 -0.79 27.83 -12.74
N VAL B 36 -1.56 27.95 -13.81
CA VAL B 36 -1.39 29.02 -14.79
C VAL B 36 -2.52 30.04 -14.66
N PHE B 37 -2.13 31.32 -14.59
CA PHE B 37 -3.07 32.43 -14.60
C PHE B 37 -2.85 33.21 -15.87
N ARG B 38 -3.87 33.33 -16.69
CA ARG B 38 -3.77 34.13 -17.91
C ARG B 38 -4.85 35.19 -17.96
N TYR B 39 -4.45 36.40 -18.33
CA TYR B 39 -5.38 37.48 -18.59
C TYR B 39 -4.86 38.25 -19.78
N GLY B 40 -5.69 38.36 -20.82
CA GLY B 40 -5.26 38.99 -22.06
C GLY B 40 -4.08 38.21 -22.61
N ASP B 41 -2.97 38.89 -22.84
CA ASP B 41 -1.77 38.21 -23.30
C ASP B 41 -0.68 38.14 -22.23
N GLU B 42 -1.10 38.11 -20.96
CA GLU B 42 -0.16 38.01 -19.87
C GLU B 42 -0.38 36.71 -19.07
N ILE B 43 0.71 36.01 -18.81
CA ILE B 43 0.65 34.78 -18.05
C ILE B 43 1.56 34.82 -16.83
N VAL B 44 1.02 34.42 -15.69
CA VAL B 44 1.80 34.24 -14.49
C VAL B 44 1.66 32.76 -14.09
N VAL B 45 2.78 32.09 -13.79
CA VAL B 45 2.75 30.67 -13.39
C VAL B 45 3.10 30.52 -11.91
N VAL B 46 2.47 29.55 -11.25
CA VAL B 46 2.70 29.34 -9.84
C VAL B 46 3.22 27.90 -9.62
N ASP B 47 4.46 27.78 -9.16
CA ASP B 47 5.03 26.50 -8.72
C ASP B 47 5.58 25.63 -9.85
N GLY B 48 6.49 24.72 -9.52
CA GLY B 48 6.96 23.71 -10.46
C GLY B 48 7.20 22.34 -9.84
N GLY B 49 6.13 21.69 -9.38
CA GLY B 49 6.23 20.42 -8.70
C GLY B 49 6.41 19.14 -9.52
N LEU B 50 7.02 18.13 -8.90
CA LEU B 50 6.98 16.77 -9.41
C LEU B 50 5.97 15.98 -8.57
N ALA B 51 5.64 14.78 -9.06
CA ALA B 51 4.95 13.76 -8.27
C ALA B 51 5.81 12.53 -8.23
N PHE B 52 5.66 11.76 -7.15
CA PHE B 52 6.36 10.50 -7.05
C PHE B 52 5.50 9.37 -7.61
N PRO B 53 6.13 8.33 -8.17
CA PRO B 53 5.36 7.28 -8.85
C PRO B 53 4.54 6.42 -7.90
N LYS B 54 3.39 5.98 -8.38
CA LYS B 54 2.59 4.97 -7.72
C LYS B 54 3.08 3.57 -8.12
N ALA B 55 2.44 2.53 -7.56
CA ALA B 55 2.94 1.16 -7.69
C ALA B 55 2.88 0.60 -9.12
N HIS B 56 1.91 1.04 -9.91
CA HIS B 56 1.72 0.54 -11.27
C HIS B 56 2.65 1.22 -12.28
N GLN B 57 3.25 2.33 -11.87
CA GLN B 57 4.23 3.06 -12.68
C GLN B 57 5.63 2.58 -12.30
N MET B 58 5.90 1.31 -12.55
N MET B 58 5.90 1.30 -12.53
CA MET B 58 7.11 0.68 -12.03
CA MET B 58 7.11 0.69 -12.00
C MET B 58 8.35 1.12 -12.77
C MET B 58 8.35 1.09 -12.77
N GLY B 59 9.44 1.31 -12.02
CA GLY B 59 10.71 1.61 -12.59
C GLY B 59 10.98 3.08 -12.79
N ILE B 60 9.98 3.94 -12.69
CA ILE B 60 10.25 5.34 -13.01
C ILE B 60 10.59 6.11 -11.73
N ASP B 61 11.35 7.21 -11.86
CA ASP B 61 11.89 7.89 -10.68
C ASP B 61 10.96 8.97 -10.19
N LEU B 62 10.41 9.72 -11.13
CA LEU B 62 9.57 10.84 -10.78
C LEU B 62 8.69 11.22 -11.95
N ILE B 63 7.70 12.05 -11.67
CA ILE B 63 6.73 12.47 -12.68
C ILE B 63 6.67 14.00 -12.71
N VAL B 64 6.68 14.58 -13.91
CA VAL B 64 6.64 16.04 -14.07
C VAL B 64 5.47 16.46 -14.96
N PRO B 65 5.00 17.71 -14.80
CA PRO B 65 3.82 18.16 -15.54
C PRO B 65 4.07 18.29 -17.03
N ARG B 66 3.08 17.96 -17.84
CA ARG B 66 3.14 18.34 -19.24
C ARG B 66 3.00 19.86 -19.32
N ILE B 67 3.87 20.50 -20.10
CA ILE B 67 3.87 21.96 -20.19
C ILE B 67 3.59 22.46 -21.61
N ASP B 68 2.89 21.65 -22.40
CA ASP B 68 2.51 22.00 -23.76
C ASP B 68 1.90 23.40 -23.86
N TYR B 69 1.04 23.72 -22.89
CA TYR B 69 0.31 24.97 -22.87
C TYR B 69 1.28 26.14 -22.77
N LEU B 70 2.23 26.02 -21.85
CA LEU B 70 3.28 27.01 -21.68
C LEU B 70 4.18 27.10 -22.90
N LEU B 71 4.49 25.96 -23.53
CA LEU B 71 5.31 25.98 -24.73
C LEU B 71 4.62 26.75 -25.84
N GLU B 72 3.35 26.45 -26.06
CA GLU B 72 2.58 27.16 -27.07
C GLU B 72 2.54 28.66 -26.78
N HIS B 73 2.48 29.03 -25.52
CA HIS B 73 2.26 30.42 -25.14
C HIS B 73 3.44 31.05 -24.41
N GLN B 74 4.65 30.53 -24.65
CA GLN B 74 5.81 30.90 -23.83
C GLN B 74 6.12 32.39 -23.79
N ASP B 75 5.91 33.09 -24.91
CA ASP B 75 6.13 34.54 -24.98
C ASP B 75 5.23 35.34 -24.04
N LYS B 76 4.08 34.79 -23.67
CA LYS B 76 3.16 35.50 -22.80
C LYS B 76 3.55 35.39 -21.32
N ILE B 77 4.52 34.53 -20.99
CA ILE B 77 4.89 34.32 -19.59
C ILE B 77 5.70 35.49 -19.04
N LYS B 78 5.18 36.10 -17.97
CA LYS B 78 5.76 37.32 -17.43
C LYS B 78 6.56 37.05 -16.17
N GLY B 79 6.22 35.98 -15.47
CA GLY B 79 6.88 35.67 -14.21
C GLY B 79 6.44 34.38 -13.57
N TRP B 80 7.15 34.00 -12.53
CA TRP B 80 6.89 32.76 -11.80
C TRP B 80 6.82 33.06 -10.32
N ILE B 81 5.91 32.38 -9.64
CA ILE B 81 5.79 32.46 -8.19
C ILE B 81 6.07 31.07 -7.56
N LEU B 82 6.91 31.03 -6.53
CA LEU B 82 7.23 29.76 -5.84
C LEU B 82 6.83 29.83 -4.38
N THR B 83 5.84 29.05 -3.95
CA THR B 83 5.26 29.22 -2.62
C THR B 83 6.12 28.64 -1.48
N HIS B 84 6.80 27.54 -1.75
CA HIS B 84 7.68 26.92 -0.75
C HIS B 84 8.52 25.83 -1.38
N GLY B 85 9.44 25.26 -0.60
CA GLY B 85 10.48 24.42 -1.16
C GLY B 85 10.24 22.92 -1.21
N HIS B 86 9.01 22.47 -1.00
CA HIS B 86 8.72 21.03 -1.08
C HIS B 86 8.77 20.52 -2.53
N GLU B 87 9.09 19.24 -2.67
CA GLU B 87 9.32 18.63 -3.97
C GLU B 87 8.12 18.73 -4.90
N ASP B 88 6.91 18.68 -4.34
CA ASP B 88 5.71 18.76 -5.18
C ASP B 88 5.36 20.20 -5.56
N HIS B 89 6.26 21.13 -5.27
CA HIS B 89 6.12 22.52 -5.70
C HIS B 89 7.34 23.03 -6.47
N ILE B 90 8.53 22.49 -6.21
CA ILE B 90 9.70 22.90 -7.01
C ILE B 90 10.47 21.78 -7.74
N GLY B 91 10.05 20.54 -7.55
CA GLY B 91 10.80 19.42 -8.10
C GLY B 91 10.77 19.31 -9.61
N GLY B 92 9.75 19.88 -10.24
CA GLY B 92 9.65 19.82 -11.70
C GLY B 92 10.43 20.93 -12.39
N LEU B 93 10.85 21.93 -11.62
CA LEU B 93 11.49 23.12 -12.20
C LEU B 93 12.70 22.88 -13.12
N PRO B 94 13.63 21.95 -12.77
CA PRO B 94 14.75 21.70 -13.69
C PRO B 94 14.30 21.25 -15.07
N TYR B 95 13.20 20.51 -15.13
CA TYR B 95 12.68 20.01 -16.39
C TYR B 95 11.86 21.06 -17.13
N ILE B 96 11.16 21.91 -16.39
CA ILE B 96 10.33 22.96 -16.97
C ILE B 96 11.14 24.16 -17.45
N PHE B 97 12.01 24.68 -16.59
CA PHE B 97 12.78 25.89 -16.93
C PHE B 97 13.65 25.67 -18.15
N ALA B 98 14.03 24.41 -18.39
CA ALA B 98 14.93 24.10 -19.50
C ALA B 98 14.27 24.29 -20.86
N ARG B 99 12.93 24.31 -20.89
CA ARG B 99 12.19 24.37 -22.14
C ARG B 99 11.52 25.73 -22.37
N LEU B 100 11.73 26.64 -21.42
CA LEU B 100 11.01 27.92 -21.43
C LEU B 100 11.96 29.12 -21.39
N PRO B 101 11.46 30.32 -21.75
CA PRO B 101 12.27 31.54 -21.57
C PRO B 101 12.64 31.79 -20.10
N ARG B 102 13.70 32.55 -19.87
CA ARG B 102 14.17 32.83 -18.52
C ARG B 102 13.44 34.01 -17.90
N VAL B 103 12.26 33.76 -17.32
CA VAL B 103 11.45 34.83 -16.73
C VAL B 103 11.85 35.07 -15.26
N PRO B 104 11.40 36.19 -14.67
CA PRO B 104 11.70 36.37 -13.26
C PRO B 104 10.99 35.32 -12.39
N VAL B 105 11.71 34.73 -11.44
CA VAL B 105 11.16 33.69 -10.57
C VAL B 105 11.22 34.16 -9.12
N TYR B 106 10.06 34.45 -8.54
CA TYR B 106 9.97 35.00 -7.20
C TYR B 106 9.70 33.98 -6.10
N GLY B 107 10.47 34.04 -5.02
CA GLY B 107 10.23 33.13 -3.92
C GLY B 107 10.93 33.62 -2.65
N LEU B 108 10.63 32.97 -1.53
CA LEU B 108 11.26 33.30 -0.25
C LEU B 108 12.66 32.67 -0.16
N PRO B 109 13.50 33.11 0.80
CA PRO B 109 14.91 32.70 0.72
C PRO B 109 15.18 31.18 0.76
N LEU B 110 14.54 30.42 1.65
CA LEU B 110 14.81 28.99 1.76
C LEU B 110 14.35 28.29 0.49
N THR B 111 13.18 28.70 0.00
CA THR B 111 12.65 28.22 -1.26
C THR B 111 13.67 28.40 -2.39
N LEU B 112 14.25 29.61 -2.49
CA LEU B 112 15.20 29.87 -3.58
C LEU B 112 16.52 29.14 -3.37
N ALA B 113 16.95 29.00 -2.12
CA ALA B 113 18.17 28.23 -1.86
C ALA B 113 18.04 26.78 -2.32
N LEU B 114 16.85 26.20 -2.11
CA LEU B 114 16.64 24.79 -2.49
C LEU B 114 16.62 24.68 -4.01
N VAL B 115 15.94 25.64 -4.64
CA VAL B 115 15.83 25.67 -6.10
C VAL B 115 17.20 25.90 -6.73
N ARG B 116 18.00 26.79 -6.13
CA ARG B 116 19.34 27.07 -6.68
C ARG B 116 20.24 25.83 -6.61
N GLU B 117 20.15 25.05 -5.54
CA GLU B 117 20.92 23.81 -5.48
C GLU B 117 20.47 22.85 -6.59
N LYS B 118 19.16 22.71 -6.72
CA LYS B 118 18.57 21.79 -7.67
C LYS B 118 18.92 22.18 -9.11
N LEU B 119 18.89 23.48 -9.41
CA LEU B 119 19.16 23.92 -10.78
C LEU B 119 20.63 23.81 -11.13
N SER B 120 21.49 23.97 -10.11
CA SER B 120 22.93 23.84 -10.33
C SER B 120 23.32 22.40 -10.64
N GLU B 121 22.60 21.44 -10.06
CA GLU B 121 22.86 20.04 -10.35
C GLU B 121 22.55 19.73 -11.81
N PHE B 122 21.49 20.33 -12.33
CA PHE B 122 21.07 20.09 -13.71
C PHE B 122 21.80 20.92 -14.73
N GLY B 123 22.72 21.76 -14.28
CA GLY B 123 23.51 22.56 -15.20
C GLY B 123 22.77 23.77 -15.75
N LEU B 124 21.63 24.12 -15.14
CA LEU B 124 20.86 25.28 -15.57
C LEU B 124 21.49 26.60 -15.14
N GLN B 125 21.88 27.40 -16.13
CA GLN B 125 22.56 28.67 -15.88
C GLN B 125 21.62 29.87 -15.97
N ASP B 126 21.91 30.91 -15.20
CA ASP B 126 21.24 32.20 -15.32
C ASP B 126 19.72 32.15 -15.16
N VAL B 127 19.23 31.33 -14.24
CA VAL B 127 17.81 31.40 -13.91
C VAL B 127 17.66 32.66 -13.06
N ASP B 128 16.65 33.45 -13.38
CA ASP B 128 16.46 34.75 -12.74
C ASP B 128 15.65 34.58 -11.45
N LEU B 129 16.31 34.13 -10.39
CA LEU B 129 15.66 33.96 -9.09
C LEU B 129 15.65 35.27 -8.30
N ARG B 130 14.47 35.70 -7.89
CA ARG B 130 14.36 36.95 -7.13
C ARG B 130 13.73 36.72 -5.78
N GLU B 131 14.48 37.06 -4.74
CA GLU B 131 14.03 36.89 -3.37
C GLU B 131 12.90 37.85 -3.08
N VAL B 132 11.89 37.39 -2.35
CA VAL B 132 10.90 38.30 -1.82
C VAL B 132 10.79 38.08 -0.33
N THR B 133 10.07 38.96 0.34
CA THR B 133 9.77 38.81 1.75
C THR B 133 8.28 39.02 1.91
N TYR B 134 7.72 38.49 2.99
CA TYR B 134 6.28 38.61 3.23
C TYR B 134 5.88 40.07 3.21
N GLY B 135 4.76 40.35 2.55
CA GLY B 135 4.26 41.71 2.47
C GLY B 135 4.65 42.39 1.18
N ASP B 136 5.64 41.85 0.48
CA ASP B 136 6.08 42.43 -0.78
C ASP B 136 5.05 42.31 -1.88
N GLU B 137 4.99 43.32 -2.73
CA GLU B 137 4.11 43.29 -3.89
C GLU B 137 4.95 43.20 -5.14
N VAL B 138 4.64 42.22 -5.97
CA VAL B 138 5.40 41.96 -7.16
C VAL B 138 4.49 42.10 -8.38
N ARG B 139 4.91 42.89 -9.36
CA ARG B 139 4.09 43.13 -10.53
C ARG B 139 4.52 42.24 -11.68
N PHE B 140 3.55 41.69 -12.40
CA PHE B 140 3.81 40.91 -13.59
C PHE B 140 3.04 41.54 -14.75
N GLY B 141 3.74 42.18 -15.69
CA GLY B 141 3.10 42.89 -16.79
C GLY B 141 2.07 43.92 -16.33
N GLN B 142 1.08 44.17 -17.18
CA GLN B 142 0.04 45.16 -16.89
C GLN B 142 -1.07 44.65 -15.99
N SER B 143 -1.40 43.37 -16.11
CA SER B 143 -2.62 42.85 -15.52
C SER B 143 -2.46 42.29 -14.10
N PHE B 144 -1.26 41.86 -13.73
CA PHE B 144 -1.09 41.13 -12.47
C PHE B 144 -0.27 41.84 -11.41
N VAL B 145 -0.78 41.84 -10.18
CA VAL B 145 0.01 42.18 -9.01
C VAL B 145 -0.12 41.07 -7.95
N ALA B 146 1.00 40.54 -7.47
CA ALA B 146 0.98 39.46 -6.47
C ALA B 146 1.54 39.90 -5.12
N GLU B 147 0.80 39.62 -4.05
CA GLU B 147 1.27 39.98 -2.71
C GLU B 147 1.46 38.75 -1.84
N PHE B 148 2.70 38.53 -1.39
CA PHE B 148 3.02 37.38 -0.57
C PHE B 148 2.64 37.57 0.88
N PHE B 149 2.25 36.48 1.54
CA PHE B 149 1.96 36.53 2.97
C PHE B 149 2.24 35.17 3.62
N CYS B 150 2.47 35.20 4.94
CA CYS B 150 2.97 34.03 5.63
C CYS B 150 1.88 33.03 6.02
N MET B 151 2.04 31.77 5.61
CA MET B 151 1.23 30.67 6.15
C MET B 151 2.15 29.61 6.72
N THR B 152 1.91 29.21 7.97
CA THR B 152 2.64 28.12 8.57
C THR B 152 2.39 26.81 7.81
N HIS B 153 3.41 25.97 7.76
CA HIS B 153 3.37 24.73 7.02
C HIS B 153 4.43 23.87 7.67
N SER B 154 4.77 22.75 7.05
CA SER B 154 5.74 21.82 7.60
C SER B 154 7.16 22.11 7.10
N ILE B 155 7.33 23.25 6.42
CA ILE B 155 8.64 23.76 5.95
C ILE B 155 8.64 25.29 6.13
N PRO B 156 9.79 25.88 6.48
CA PRO B 156 9.79 27.33 6.67
C PRO B 156 9.72 28.08 5.35
N ASP B 157 9.53 29.40 5.44
CA ASP B 157 9.51 30.28 4.26
C ASP B 157 8.41 29.85 3.28
N ASN B 158 7.27 29.51 3.85
CA ASN B 158 6.10 29.05 3.12
C ASN B 158 5.08 30.15 2.98
N ALA B 159 4.62 30.39 1.76
CA ALA B 159 3.74 31.53 1.56
C ALA B 159 2.48 31.20 0.79
N GLY B 160 1.41 31.92 1.10
CA GLY B 160 0.26 32.03 0.23
C GLY B 160 0.41 33.41 -0.43
N TYR B 161 -0.46 33.74 -1.36
CA TYR B 161 -0.41 35.03 -2.04
C TYR B 161 -1.80 35.50 -2.44
N ILE B 162 -1.91 36.81 -2.65
CA ILE B 162 -3.10 37.40 -3.26
C ILE B 162 -2.72 37.86 -4.67
N LEU B 163 -3.43 37.34 -5.66
CA LEU B 163 -3.16 37.74 -7.04
C LEU B 163 -4.20 38.75 -7.48
N LYS B 164 -3.75 39.97 -7.72
CA LYS B 164 -4.67 41.07 -8.04
C LYS B 164 -4.81 41.23 -9.55
N THR B 165 -6.03 41.06 -10.04
CA THR B 165 -6.31 41.09 -11.48
C THR B 165 -7.40 42.12 -11.81
N PRO B 166 -7.50 42.51 -13.09
CA PRO B 166 -8.57 43.42 -13.54
C PRO B 166 -9.99 42.94 -13.20
N VAL B 167 -10.23 41.63 -13.16
CA VAL B 167 -11.57 41.11 -12.83
C VAL B 167 -11.80 41.04 -11.33
N GLY B 168 -10.75 41.25 -10.54
CA GLY B 168 -10.84 41.13 -9.09
C GLY B 168 -9.65 40.44 -8.42
N ASP B 169 -9.86 39.89 -7.22
CA ASP B 169 -8.78 39.35 -6.42
C ASP B 169 -8.87 37.84 -6.25
N VAL B 170 -7.77 37.14 -6.52
CA VAL B 170 -7.67 35.71 -6.20
C VAL B 170 -6.80 35.52 -4.96
N LEU B 171 -7.34 34.88 -3.93
CA LEU B 171 -6.50 34.48 -2.80
C LEU B 171 -6.14 33.00 -2.89
N HIS B 172 -4.84 32.72 -2.83
CA HIS B 172 -4.36 31.35 -2.83
C HIS B 172 -3.62 31.11 -1.53
N THR B 173 -4.16 30.19 -0.72
CA THR B 173 -3.59 29.87 0.59
C THR B 173 -2.17 29.31 0.53
N GLY B 174 -1.79 28.75 -0.62
CA GLY B 174 -0.59 27.92 -0.68
C GLY B 174 -0.83 26.67 0.14
N ASP B 175 0.21 25.91 0.42
CA ASP B 175 0.11 24.81 1.39
C ASP B 175 0.03 25.43 2.79
N PHE B 176 -0.92 25.01 3.63
CA PHE B 176 -0.94 25.57 4.99
C PHE B 176 -1.58 24.71 6.09
N LYS B 177 -1.17 25.02 7.32
CA LYS B 177 -1.92 24.67 8.51
C LYS B 177 -2.04 25.97 9.29
N ILE B 178 -2.86 26.01 10.33
CA ILE B 178 -2.87 27.19 11.17
C ILE B 178 -2.24 26.81 12.51
N ASP B 179 -0.92 26.90 12.58
CA ASP B 179 -0.19 26.49 13.77
C ASP B 179 0.10 27.73 14.61
N PRO B 180 -0.44 27.78 15.84
CA PRO B 180 -0.21 28.92 16.73
C PRO B 180 1.24 29.02 17.15
N ASP B 181 1.93 27.88 17.22
CA ASP B 181 3.32 27.92 17.64
C ASP B 181 4.12 26.78 17.04
N VAL B 182 5.01 27.09 16.11
CA VAL B 182 5.81 26.02 15.50
C VAL B 182 6.96 25.58 16.39
N GLY B 183 7.22 26.33 17.46
CA GLY B 183 8.05 25.84 18.55
C GLY B 183 9.51 26.24 18.53
N THR B 184 9.93 26.90 17.46
CA THR B 184 11.34 27.22 17.24
C THR B 184 11.76 28.57 17.86
N GLY B 185 10.82 29.30 18.44
CA GLY B 185 11.13 30.53 19.16
C GLY B 185 11.38 31.76 18.30
N ALA B 186 11.08 31.65 17.02
CA ALA B 186 11.31 32.74 16.07
C ALA B 186 10.04 33.56 15.82
N GLY B 187 8.97 33.21 16.53
CA GLY B 187 7.72 33.96 16.45
C GLY B 187 6.99 33.85 15.12
N ILE B 188 7.19 32.73 14.42
CA ILE B 188 6.55 32.47 13.14
C ILE B 188 5.05 32.18 13.31
N VAL B 189 4.18 32.97 12.69
CA VAL B 189 2.74 32.66 12.68
C VAL B 189 2.11 32.92 11.32
N SER B 190 0.95 32.31 11.05
CA SER B 190 0.23 32.60 9.82
C SER B 190 -0.33 34.02 9.89
N ASP B 191 -0.42 34.68 8.74
CA ASP B 191 -0.91 36.06 8.70
C ASP B 191 -2.44 36.13 8.54
N LEU B 192 -3.16 35.71 9.57
CA LEU B 192 -4.62 35.70 9.52
C LEU B 192 -5.16 37.13 9.44
N GLU B 193 -4.38 38.09 9.90
CA GLU B 193 -4.80 39.48 9.76
C GLU B 193 -4.90 39.84 8.27
N ARG B 194 -3.83 39.59 7.51
CA ARG B 194 -3.83 39.92 6.08
C ARG B 194 -4.93 39.18 5.34
N VAL B 195 -5.19 37.95 5.77
CA VAL B 195 -6.20 37.10 5.15
C VAL B 195 -7.60 37.66 5.42
N GLU B 196 -7.84 38.06 6.68
CA GLU B 196 -9.09 38.70 7.06
C GLU B 196 -9.30 40.01 6.28
N GLN B 197 -8.22 40.74 6.06
CA GLN B 197 -8.33 42.03 5.36
C GLN B 197 -8.62 41.80 3.87
N ALA B 198 -8.11 40.71 3.31
CA ALA B 198 -8.39 40.38 1.92
C ALA B 198 -9.87 40.09 1.76
N GLY B 199 -10.46 39.45 2.78
CA GLY B 199 -11.87 39.18 2.81
C GLY B 199 -12.69 40.46 2.71
N LYS B 200 -12.25 41.52 3.37
CA LYS B 200 -12.96 42.79 3.36
C LYS B 200 -12.79 43.54 2.03
N ASP B 201 -11.55 43.62 1.56
CA ASP B 201 -11.26 44.21 0.24
C ASP B 201 -12.05 43.49 -0.84
N GLY B 202 -12.35 42.22 -0.60
CA GLY B 202 -13.15 41.46 -1.54
C GLY B 202 -12.29 40.39 -2.16
N VAL B 203 -12.62 39.14 -1.89
CA VAL B 203 -11.94 38.02 -2.52
C VAL B 203 -12.87 37.45 -3.58
N LEU B 204 -12.49 37.58 -4.84
CA LEU B 204 -13.30 37.05 -5.94
C LEU B 204 -13.17 35.53 -5.99
N LEU B 205 -11.94 35.03 -5.98
CA LEU B 205 -11.72 33.58 -5.99
C LEU B 205 -10.80 33.14 -4.86
N LEU B 206 -11.19 32.06 -4.17
CA LEU B 206 -10.31 31.48 -3.17
C LEU B 206 -9.80 30.12 -3.67
N ILE B 207 -8.49 29.93 -3.65
CA ILE B 207 -7.89 28.63 -3.94
C ILE B 207 -7.23 28.14 -2.65
N SER B 208 -7.68 26.99 -2.14
CA SER B 208 -7.29 26.53 -0.81
C SER B 208 -6.92 25.05 -0.71
N ASP B 209 -5.97 24.77 0.18
CA ASP B 209 -5.32 23.47 0.35
C ASP B 209 -6.30 22.43 0.94
N SER B 210 -6.65 21.42 0.15
CA SER B 210 -7.66 20.42 0.53
C SER B 210 -7.11 19.14 1.14
N THR B 211 -5.80 19.06 1.36
CA THR B 211 -5.13 17.81 1.75
C THR B 211 -5.83 17.05 2.89
N ASN B 212 -6.09 17.75 3.98
CA ASN B 212 -6.73 17.17 5.17
C ASN B 212 -8.21 17.53 5.33
N ALA B 213 -8.91 17.78 4.22
CA ALA B 213 -10.31 18.25 4.29
C ALA B 213 -11.27 17.19 4.82
N GLU B 214 -10.84 15.95 4.87
CA GLU B 214 -11.67 14.92 5.46
C GLU B 214 -11.36 14.73 6.95
N ARG B 215 -10.42 15.51 7.50
CA ARG B 215 -10.02 15.32 8.89
C ARG B 215 -10.74 16.30 9.79
N PRO B 216 -11.52 15.79 10.75
CA PRO B 216 -12.26 16.72 11.63
C PRO B 216 -11.30 17.45 12.53
N GLY B 217 -11.73 18.56 13.13
CA GLY B 217 -10.94 19.23 14.14
C GLY B 217 -9.80 20.07 13.61
N HIS B 218 -8.71 20.09 14.36
CA HIS B 218 -7.60 21.01 14.13
C HIS B 218 -6.31 20.18 14.07
N THR B 219 -5.44 20.43 13.10
CA THR B 219 -4.18 19.70 13.06
C THR B 219 -3.36 20.15 14.28
N PRO B 220 -2.75 19.18 14.98
CA PRO B 220 -1.93 19.46 16.15
C PRO B 220 -0.78 20.43 15.84
N SER B 221 -0.38 21.20 16.84
CA SER B 221 0.75 22.13 16.74
C SER B 221 2.08 21.43 16.84
N GLU B 222 3.08 21.91 16.09
CA GLU B 222 4.45 21.39 16.23
C GLU B 222 4.99 21.55 17.66
N ALA B 223 4.54 22.58 18.38
CA ALA B 223 5.04 22.79 19.73
C ALA B 223 4.55 21.65 20.62
N GLU B 224 3.34 21.16 20.36
CA GLU B 224 2.83 20.02 21.12
C GLU B 224 3.64 18.76 20.79
N ILE B 225 3.97 18.56 19.51
CA ILE B 225 4.71 17.38 19.10
C ILE B 225 6.11 17.42 19.75
N ALA B 226 6.69 18.62 19.86
CA ALA B 226 8.01 18.75 20.46
C ALA B 226 7.94 18.39 21.94
N ARG B 227 6.91 18.85 22.64
CA ARG B 227 6.74 18.49 24.06
C ARG B 227 6.58 16.97 24.21
N ASN B 228 5.80 16.36 23.32
CA ASN B 228 5.60 14.92 23.39
C ASN B 228 6.91 14.17 23.22
N LEU B 229 7.71 14.61 22.24
CA LEU B 229 8.97 13.95 21.92
C LEU B 229 9.93 14.07 23.10
N GLU B 230 9.98 15.27 23.68
CA GLU B 230 10.89 15.48 24.79
C GLU B 230 10.51 14.61 25.99
N GLU B 231 9.22 14.48 26.26
CA GLU B 231 8.75 13.61 27.34
C GLU B 231 9.15 12.14 27.09
N ILE B 232 8.97 11.68 25.86
CA ILE B 232 9.38 10.34 25.47
C ILE B 232 10.89 10.16 25.60
N ILE B 233 11.65 11.10 25.04
CA ILE B 233 13.09 10.94 24.95
C ILE B 233 13.70 11.07 26.34
N LYS B 234 13.10 11.92 27.16
CA LYS B 234 13.50 12.06 28.56
C LYS B 234 13.52 10.70 29.26
N GLY B 235 12.53 9.86 28.93
CA GLY B 235 12.40 8.55 29.52
C GLY B 235 13.26 7.43 28.92
N CYS B 236 13.75 7.63 27.70
CA CYS B 236 14.56 6.60 27.03
C CYS B 236 15.86 6.35 27.76
N ARG B 237 16.04 5.10 28.15
CA ARG B 237 17.16 4.68 28.98
C ARG B 237 18.47 4.66 28.20
N GLY B 238 18.40 4.37 26.92
CA GLY B 238 19.60 4.29 26.10
C GLY B 238 19.57 5.18 24.87
N ARG B 239 20.19 4.70 23.79
CA ARG B 239 20.23 5.41 22.52
C ARG B 239 18.85 5.65 21.94
N VAL B 240 18.71 6.75 21.23
CA VAL B 240 17.49 7.09 20.53
C VAL B 240 17.75 7.31 19.04
N PHE B 241 16.92 6.68 18.20
CA PHE B 241 16.98 6.87 16.76
C PHE B 241 15.66 7.47 16.34
N LEU B 242 15.70 8.61 15.70
CA LEU B 242 14.46 9.25 15.32
C LEU B 242 14.50 9.53 13.84
N THR B 243 13.43 9.17 13.14
CA THR B 243 13.34 9.54 11.74
C THR B 243 12.14 10.42 11.55
N THR B 244 12.27 11.35 10.60
CA THR B 244 11.20 12.25 10.23
C THR B 244 11.43 12.69 8.78
N PHE B 245 10.46 13.39 8.20
CA PHE B 245 10.65 13.87 6.83
C PHE B 245 11.85 14.79 6.72
N ALA B 246 12.62 14.63 5.65
CA ALA B 246 13.90 15.30 5.50
C ALA B 246 13.74 16.81 5.57
N SER B 247 12.59 17.30 5.10
CA SER B 247 12.38 18.74 5.03
C SER B 247 11.58 19.32 6.20
N GLN B 248 11.33 18.52 7.24
CA GLN B 248 10.56 19.04 8.37
C GLN B 248 11.52 19.83 9.25
N VAL B 249 11.79 21.06 8.83
CA VAL B 249 12.85 21.84 9.46
C VAL B 249 12.48 22.18 10.89
N TYR B 250 11.22 22.55 11.10
CA TYR B 250 10.73 22.90 12.43
C TYR B 250 10.88 21.73 13.44
N ARG B 251 10.39 20.56 13.06
CA ARG B 251 10.46 19.36 13.88
C ARG B 251 11.91 19.07 14.25
N ILE B 252 12.77 19.11 13.24
CA ILE B 252 14.17 18.79 13.46
C ILE B 252 14.85 19.84 14.39
N GLN B 253 14.63 21.15 14.14
CA GLN B 253 15.14 22.18 15.06
C GLN B 253 14.64 21.94 16.48
N ASN B 254 13.33 21.75 16.63
CA ASN B 254 12.76 21.41 17.94
C ASN B 254 13.45 20.22 18.59
N ILE B 255 13.79 19.22 17.77
CA ILE B 255 14.49 18.04 18.27
C ILE B 255 15.91 18.38 18.69
N LEU B 256 16.59 19.25 17.95
CA LEU B 256 17.95 19.64 18.32
C LEU B 256 17.98 20.33 19.68
N ASP B 257 16.96 21.13 19.95
CA ASP B 257 16.91 21.90 21.18
C ASP B 257 16.51 21.02 22.37
N LEU B 258 15.52 20.16 22.16
CA LEU B 258 15.14 19.24 23.21
C LEU B 258 16.28 18.27 23.48
N ALA B 259 17.00 17.87 22.43
CA ALA B 259 18.14 16.96 22.61
C ALA B 259 19.19 17.58 23.53
N HIS B 260 19.53 18.84 23.26
CA HIS B 260 20.47 19.61 24.06
C HIS B 260 20.06 19.68 25.52
N ARG B 261 18.76 19.91 25.74
CA ARG B 261 18.22 20.01 27.09
C ARG B 261 18.27 18.68 27.83
N GLN B 262 18.16 17.58 27.08
CA GLN B 262 18.16 16.25 27.66
C GLN B 262 19.56 15.66 27.68
N GLY B 263 20.53 16.46 27.28
CA GLY B 263 21.93 16.05 27.37
C GLY B 263 22.30 15.01 26.34
N ARG B 264 21.65 15.02 25.19
CA ARG B 264 22.07 14.13 24.12
C ARG B 264 22.76 14.88 23.00
N ARG B 265 23.81 14.28 22.46
CA ARG B 265 24.43 14.82 21.25
C ARG B 265 23.73 14.24 20.02
N VAL B 266 23.77 14.98 18.92
CA VAL B 266 22.96 14.67 17.74
C VAL B 266 23.81 14.30 16.51
N VAL B 267 23.48 13.17 15.91
CA VAL B 267 24.06 12.79 14.63
C VAL B 267 22.96 12.87 13.59
N MET B 268 23.25 13.52 12.47
CA MET B 268 22.31 13.54 11.37
C MET B 268 22.86 12.73 10.21
N GLU B 269 22.08 11.74 9.76
CA GLU B 269 22.47 10.96 8.60
C GLU B 269 21.35 10.89 7.59
N GLY B 270 21.72 10.81 6.31
CA GLY B 270 20.73 10.74 5.27
C GLY B 270 20.91 11.95 4.39
N ARG B 271 21.41 11.72 3.18
CA ARG B 271 21.74 12.80 2.23
C ARG B 271 20.64 13.84 2.10
N SER B 272 19.41 13.35 1.91
CA SER B 272 18.28 14.25 1.74
C SER B 272 18.11 15.20 2.93
N MET B 273 18.31 14.67 4.14
CA MET B 273 18.05 15.44 5.35
C MET B 273 19.14 16.47 5.54
N ILE B 274 20.38 16.05 5.33
CA ILE B 274 21.52 16.95 5.37
C ILE B 274 21.35 18.10 4.36
N LYS B 275 20.78 17.79 3.21
CA LYS B 275 20.55 18.80 2.19
C LYS B 275 19.60 19.88 2.68
N TYR B 276 18.46 19.47 3.24
CA TYR B 276 17.51 20.45 3.77
C TYR B 276 18.12 21.15 4.98
N ALA B 277 18.90 20.43 5.77
CA ALA B 277 19.54 21.05 6.92
C ALA B 277 20.50 22.16 6.49
N GLN B 278 21.29 21.93 5.44
CA GLN B 278 22.26 22.93 5.03
C GLN B 278 21.61 24.20 4.47
N ALA B 279 20.55 24.02 3.69
CA ALA B 279 19.83 25.17 3.17
C ALA B 279 19.14 25.93 4.29
N ALA B 280 18.54 25.21 5.25
CA ALA B 280 17.89 25.85 6.40
C ALA B 280 18.89 26.64 7.23
N GLN B 281 20.08 26.07 7.45
CA GLN B 281 21.12 26.73 8.22
C GLN B 281 21.61 27.98 7.51
N ALA B 282 21.86 27.87 6.20
CA ALA B 282 22.31 29.00 5.38
C ALA B 282 21.32 30.17 5.34
N THR B 283 20.04 29.87 5.58
CA THR B 283 18.99 30.89 5.57
C THR B 283 18.40 31.14 6.96
N GLY B 284 19.08 30.66 8.01
CA GLY B 284 18.77 31.06 9.36
C GLY B 284 17.57 30.37 9.99
N HIS B 285 17.04 29.35 9.35
CA HIS B 285 15.90 28.63 9.91
C HIS B 285 16.30 27.43 10.77
N MET B 286 17.56 27.03 10.69
CA MET B 286 18.06 25.97 11.57
C MET B 286 19.31 26.47 12.29
N ASN B 287 19.29 26.40 13.61
CA ASN B 287 20.45 26.77 14.41
C ASN B 287 20.71 25.69 15.45
N PRO B 288 21.65 24.80 15.15
CA PRO B 288 22.03 23.72 16.06
C PRO B 288 22.66 24.29 17.32
N PRO B 289 22.04 24.07 18.48
CA PRO B 289 22.58 24.58 19.74
C PRO B 289 23.96 23.99 20.00
N GLU B 290 24.16 22.75 19.58
CA GLU B 290 25.48 22.15 19.59
C GLU B 290 25.79 21.62 18.20
N PRO B 291 27.09 21.51 17.88
CA PRO B 291 27.48 20.95 16.57
C PRO B 291 27.03 19.49 16.41
N PHE B 292 26.59 19.13 15.21
CA PHE B 292 26.34 17.73 14.89
C PHE B 292 27.63 16.93 15.05
N LEU B 293 27.49 15.70 15.53
CA LEU B 293 28.61 14.79 15.64
C LEU B 293 28.47 13.68 14.62
N THR B 294 29.58 13.03 14.33
CA THR B 294 29.59 11.87 13.46
C THR B 294 29.25 10.64 14.29
N SER B 295 28.89 9.55 13.63
CA SER B 295 28.53 8.33 14.37
C SER B 295 29.75 7.86 15.16
N GLU B 296 30.95 8.05 14.62
CA GLU B 296 32.18 7.71 15.32
C GLU B 296 32.30 8.46 16.65
N GLU B 297 32.05 9.76 16.58
CA GLU B 297 32.21 10.67 17.70
C GLU B 297 31.19 10.42 18.82
N VAL B 298 29.94 10.11 18.47
CA VAL B 298 28.97 9.81 19.51
C VAL B 298 29.27 8.46 20.15
N GLY B 299 29.96 7.60 19.39
CA GLY B 299 30.33 6.29 19.89
C GLY B 299 31.18 6.38 21.14
N GLU B 300 31.74 7.56 21.41
CA GLU B 300 32.59 7.76 22.57
C GLU B 300 31.76 8.06 23.82
N LEU B 301 30.49 8.36 23.60
CA LEU B 301 29.59 8.76 24.66
C LEU B 301 28.74 7.60 25.19
N GLN B 302 28.13 7.79 26.36
CA GLN B 302 27.18 6.81 26.90
C GLN B 302 25.94 6.70 26.01
N ASP B 303 25.22 5.58 26.12
CA ASP B 303 24.03 5.32 25.30
C ASP B 303 22.96 6.40 25.44
N GLN B 304 22.71 6.84 26.68
CA GLN B 304 21.65 7.80 26.90
C GLN B 304 22.07 9.23 26.53
N GLN B 305 23.25 9.39 25.96
CA GLN B 305 23.72 10.69 25.47
C GLN B 305 23.60 10.79 23.96
N VAL B 306 22.97 9.80 23.35
CA VAL B 306 23.02 9.66 21.89
C VAL B 306 21.67 9.86 21.23
N LEU B 307 21.64 10.72 20.23
CA LEU B 307 20.43 10.87 19.43
C LEU B 307 20.76 10.93 17.95
N PHE B 308 20.21 9.97 17.20
CA PHE B 308 20.34 9.95 15.75
C PHE B 308 19.10 10.48 15.09
N VAL B 309 19.28 11.43 14.17
CA VAL B 309 18.20 11.96 13.34
C VAL B 309 18.49 11.54 11.92
N CYS B 310 17.57 10.82 11.29
N CYS B 310 17.57 10.81 11.28
CA CYS B 310 17.89 10.24 9.99
CA CYS B 310 17.90 10.26 9.98
C CYS B 310 16.69 10.05 9.07
C CYS B 310 16.69 10.08 9.08
N THR B 311 16.99 9.81 7.80
CA THR B 311 16.00 9.53 6.79
C THR B 311 15.49 8.09 6.86
N GLY B 312 14.46 7.81 6.06
CA GLY B 312 13.96 6.46 5.90
C GLY B 312 12.61 6.25 6.57
N SER B 313 11.93 7.36 6.86
CA SER B 313 10.64 7.28 7.52
C SER B 313 9.60 6.56 6.67
N GLN B 314 9.84 6.48 5.37
CA GLN B 314 8.86 5.88 4.46
C GLN B 314 9.14 4.41 4.13
N GLY B 315 10.09 3.79 4.82
CA GLY B 315 10.31 2.37 4.66
C GLY B 315 11.30 1.98 3.58
N GLN B 316 11.92 2.98 2.96
CA GLN B 316 12.94 2.76 1.94
C GLN B 316 14.06 1.89 2.50
N PRO B 317 14.27 0.71 1.90
CA PRO B 317 15.23 -0.23 2.48
C PRO B 317 16.66 0.28 2.41
N MET B 318 16.99 1.12 1.43
CA MET B 318 18.33 1.66 1.30
C MET B 318 18.54 2.96 2.07
N ALA B 319 17.47 3.56 2.58
CA ALA B 319 17.62 4.76 3.41
C ALA B 319 18.19 4.39 4.78
N VAL B 320 18.51 5.38 5.61
CA VAL B 320 19.27 5.10 6.83
C VAL B 320 18.53 4.19 7.80
N LEU B 321 17.27 4.50 8.11
CA LEU B 321 16.50 3.68 9.03
C LEU B 321 16.34 2.27 8.46
N GLY B 322 16.12 2.22 7.15
CA GLY B 322 16.07 0.96 6.42
C GLY B 322 17.27 0.07 6.71
N ARG B 323 18.47 0.61 6.48
CA ARG B 323 19.68 -0.22 6.66
C ARG B 323 19.86 -0.62 8.12
N LEU B 324 19.48 0.27 9.04
CA LEU B 324 19.49 -0.05 10.47
C LEU B 324 18.56 -1.24 10.77
N ALA B 325 17.33 -1.13 10.31
CA ALA B 325 16.31 -2.17 10.53
C ALA B 325 16.67 -3.51 9.89
N PHE B 326 17.27 -3.47 8.70
CA PHE B 326 17.65 -4.70 7.99
C PHE B 326 19.06 -5.15 8.37
N GLY B 327 19.69 -4.43 9.30
CA GLY B 327 21.03 -4.77 9.73
C GLY B 327 22.09 -4.69 8.64
N THR B 328 22.00 -3.69 7.76
CA THR B 328 22.98 -3.54 6.70
C THR B 328 23.73 -2.21 6.77
N HIS B 329 23.55 -1.49 7.88
CA HIS B 329 24.21 -0.20 8.04
C HIS B 329 25.69 -0.44 8.25
N ALA B 330 26.51 0.38 7.62
CA ALA B 330 27.94 0.12 7.58
C ALA B 330 28.62 0.28 8.93
N LYS B 331 28.05 1.12 9.81
CA LYS B 331 28.76 1.50 11.03
C LYS B 331 27.97 1.33 12.33
N ILE B 332 26.66 1.18 12.23
CA ILE B 332 25.82 1.12 13.43
C ILE B 332 24.92 -0.11 13.45
N ALA B 333 24.81 -0.75 14.60
CA ALA B 333 23.88 -1.87 14.72
C ALA B 333 22.88 -1.66 15.84
N LEU B 334 21.61 -1.62 15.47
CA LEU B 334 20.54 -1.57 16.47
C LEU B 334 20.66 -2.76 17.41
N ARG B 335 20.15 -2.59 18.63
N ARG B 335 20.16 -2.59 18.64
CA ARG B 335 20.15 -3.66 19.63
CA ARG B 335 20.15 -3.64 19.64
C ARG B 335 19.03 -3.41 20.63
C ARG B 335 19.03 -3.41 20.63
N ARG B 336 18.71 -4.43 21.40
CA ARG B 336 17.77 -4.31 22.51
C ARG B 336 18.19 -3.21 23.46
N GLY B 337 17.23 -2.36 23.84
CA GLY B 337 17.54 -1.24 24.68
C GLY B 337 17.44 0.06 23.87
N ASP B 338 17.75 -0.01 22.58
CA ASP B 338 17.63 1.16 21.71
C ASP B 338 16.18 1.57 21.58
N THR B 339 15.96 2.85 21.33
CA THR B 339 14.61 3.31 21.08
C THR B 339 14.59 3.90 19.68
N VAL B 340 13.61 3.46 18.88
CA VAL B 340 13.44 3.99 17.55
C VAL B 340 12.11 4.70 17.50
N ILE B 341 12.15 5.97 17.12
CA ILE B 341 10.96 6.81 17.02
C ILE B 341 10.67 7.19 15.57
N LEU B 342 9.49 6.84 15.10
CA LEU B 342 9.07 7.26 13.77
C LEU B 342 8.20 8.51 13.93
N SER B 343 8.84 9.68 13.90
CA SER B 343 8.12 10.95 13.96
C SER B 343 7.58 11.27 12.58
N SER B 344 6.60 10.49 12.16
N SER B 344 6.63 10.47 12.14
CA SER B 344 6.16 10.47 10.78
CA SER B 344 6.13 10.51 10.77
C SER B 344 4.93 9.59 10.62
C SER B 344 4.95 9.58 10.61
N ASN B 345 4.23 9.74 9.50
CA ASN B 345 3.16 8.83 9.12
C ASN B 345 3.49 8.28 7.74
N PRO B 346 3.00 7.08 7.42
CA PRO B 346 3.26 6.58 6.07
C PRO B 346 2.46 7.39 5.06
N ILE B 347 3.14 8.00 4.11
CA ILE B 347 2.50 8.58 2.94
C ILE B 347 1.72 7.46 2.26
N PRO B 348 0.45 7.72 1.92
CA PRO B 348 -0.38 6.75 1.21
C PRO B 348 0.41 5.93 0.19
N GLY B 349 0.28 4.60 0.32
CA GLY B 349 0.96 3.67 -0.56
C GLY B 349 2.24 3.12 0.03
N ASN B 350 2.70 3.73 1.13
CA ASN B 350 3.94 3.28 1.76
C ASN B 350 3.72 2.44 3.02
N GLU B 351 2.46 2.10 3.29
CA GLU B 351 2.12 1.41 4.53
C GLU B 351 2.88 0.09 4.66
N ASP B 352 2.96 -0.67 3.57
CA ASP B 352 3.60 -1.99 3.61
C ASP B 352 5.08 -1.88 3.92
N ALA B 353 5.74 -0.93 3.27
CA ALA B 353 7.17 -0.69 3.45
C ALA B 353 7.47 -0.25 4.89
N VAL B 354 6.65 0.64 5.44
CA VAL B 354 6.87 1.06 6.82
C VAL B 354 6.58 -0.11 7.79
N ASN B 355 5.52 -0.87 7.53
CA ASN B 355 5.15 -2.00 8.40
C ASN B 355 6.27 -3.03 8.44
N LEU B 356 6.91 -3.22 7.30
CA LEU B 356 7.99 -4.17 7.22
C LEU B 356 9.16 -3.70 8.10
N ILE B 357 9.47 -2.41 8.04
CA ILE B 357 10.53 -1.88 8.87
C ILE B 357 10.19 -2.03 10.34
N VAL B 358 8.99 -1.61 10.70
CA VAL B 358 8.56 -1.68 12.09
C VAL B 358 8.70 -3.12 12.63
N ASN B 359 8.28 -4.13 11.86
CA ASN B 359 8.41 -5.53 12.31
C ASN B 359 9.86 -5.98 12.47
N ARG B 360 10.73 -5.57 11.55
CA ARG B 360 12.15 -5.85 11.70
C ARG B 360 12.67 -5.24 13.00
N LEU B 361 12.20 -4.03 13.31
CA LEU B 361 12.64 -3.33 14.52
C LEU B 361 12.18 -4.09 15.77
N TYR B 362 10.91 -4.50 15.81
CA TYR B 362 10.41 -5.37 16.87
C TYR B 362 11.22 -6.65 17.01
N GLU B 363 11.57 -7.27 15.89
CA GLU B 363 12.34 -8.51 15.95
C GLU B 363 13.76 -8.30 16.51
N ILE B 364 14.41 -7.20 16.11
CA ILE B 364 15.68 -6.83 16.72
C ILE B 364 15.49 -6.64 18.21
N GLY B 365 14.35 -6.09 18.60
CA GLY B 365 14.01 -5.96 20.00
C GLY B 365 14.13 -4.54 20.54
N VAL B 366 14.19 -3.56 19.65
CA VAL B 366 14.24 -2.16 20.09
C VAL B 366 12.85 -1.71 20.53
N ASP B 367 12.80 -0.63 21.31
CA ASP B 367 11.52 -0.03 21.64
C ASP B 367 11.08 0.79 20.44
N VAL B 368 9.88 0.53 19.95
CA VAL B 368 9.41 1.18 18.74
C VAL B 368 8.27 2.14 19.02
N VAL B 369 8.50 3.42 18.70
CA VAL B 369 7.58 4.53 19.00
C VAL B 369 7.04 5.12 17.69
N TYR B 370 5.72 5.13 17.52
CA TYR B 370 5.11 5.65 16.31
C TYR B 370 3.66 6.02 16.62
N PRO B 371 3.04 6.81 15.75
CA PRO B 371 1.61 7.09 15.89
C PRO B 371 0.81 5.88 15.41
N PRO B 372 -0.42 5.69 15.92
CA PRO B 372 -1.16 6.59 16.82
C PRO B 372 -0.86 6.36 18.30
N THR B 373 -0.07 5.35 18.62
CA THR B 373 0.21 5.01 20.01
C THR B 373 0.89 6.18 20.70
N TYR B 374 1.79 6.83 19.99
CA TYR B 374 2.48 8.00 20.52
C TYR B 374 2.23 9.17 19.57
N ARG B 375 1.89 10.33 20.11
CA ARG B 375 1.56 11.47 19.26
C ARG B 375 2.85 12.20 18.87
N VAL B 376 3.57 11.59 17.93
CA VAL B 376 4.90 12.08 17.58
C VAL B 376 4.93 12.64 16.15
N HIS B 377 3.77 12.84 15.55
CA HIS B 377 3.72 13.48 14.24
C HIS B 377 2.51 14.36 14.11
N ALA B 378 2.70 15.51 13.44
CA ALA B 378 1.56 16.32 13.02
C ALA B 378 1.71 16.66 11.54
N SER B 379 0.60 16.61 10.82
CA SER B 379 0.59 16.91 9.40
C SER B 379 0.97 18.38 9.14
N GLY B 380 1.49 18.66 7.96
CA GLY B 380 1.71 20.05 7.56
C GLY B 380 0.44 20.71 7.07
N HIS B 381 -0.68 19.98 7.01
CA HIS B 381 -1.85 20.57 6.38
C HIS B 381 -3.05 20.76 7.31
N ALA B 382 -3.76 21.83 7.04
CA ALA B 382 -4.98 22.23 7.75
C ALA B 382 -6.11 21.19 7.70
N SER B 383 -6.63 20.87 8.89
CA SER B 383 -7.85 20.09 9.02
C SER B 383 -9.09 20.96 8.86
N GLN B 384 -10.28 20.35 8.94
CA GLN B 384 -11.54 21.06 8.67
C GLN B 384 -11.70 22.39 9.43
N GLU B 385 -11.30 22.44 10.70
CA GLU B 385 -11.50 23.67 11.48
C GLU B 385 -10.67 24.80 10.91
N GLU B 386 -9.44 24.47 10.52
CA GLU B 386 -8.53 25.45 9.92
C GLU B 386 -9.03 25.88 8.55
N LEU B 387 -9.52 24.93 7.76
CA LEU B 387 -10.12 25.24 6.46
C LEU B 387 -11.34 26.15 6.59
N ALA B 388 -12.16 25.89 7.61
CA ALA B 388 -13.38 26.66 7.82
C ALA B 388 -13.01 28.10 8.15
N THR B 389 -11.99 28.27 8.99
CA THR B 389 -11.49 29.60 9.35
C THR B 389 -11.12 30.41 8.11
N ILE B 390 -10.38 29.80 7.19
CA ILE B 390 -9.92 30.53 6.02
C ILE B 390 -11.10 30.93 5.14
N LEU B 391 -12.04 30.01 4.94
CA LEU B 391 -13.24 30.32 4.16
C LEU B 391 -14.02 31.47 4.80
N ASN B 392 -14.17 31.42 6.12
CA ASN B 392 -14.93 32.42 6.85
C ASN B 392 -14.27 33.77 6.75
N LEU B 393 -12.95 33.77 6.87
CA LEU B 393 -12.22 35.04 6.84
C LEU B 393 -12.18 35.63 5.44
N THR B 394 -12.04 34.81 4.41
CA THR B 394 -11.90 35.34 3.06
C THR B 394 -13.24 35.72 2.47
N ARG B 395 -14.29 35.02 2.88
CA ARG B 395 -15.64 35.24 2.33
C ARG B 395 -15.61 35.27 0.81
N PRO B 396 -15.19 34.18 0.17
CA PRO B 396 -14.97 34.27 -1.28
C PRO B 396 -16.25 34.17 -2.09
N LYS B 397 -16.30 34.85 -3.24
CA LYS B 397 -17.45 34.71 -4.13
C LYS B 397 -17.40 33.34 -4.82
N PHE B 398 -16.22 32.96 -5.29
CA PHE B 398 -16.02 31.67 -5.95
C PHE B 398 -14.93 30.86 -5.25
N PHE B 399 -15.03 29.53 -5.34
CA PHE B 399 -14.16 28.66 -4.58
C PHE B 399 -13.60 27.54 -5.48
N LEU B 400 -12.27 27.40 -5.48
CA LEU B 400 -11.60 26.28 -6.14
C LEU B 400 -10.82 25.47 -5.11
N PRO B 401 -11.42 24.39 -4.59
CA PRO B 401 -10.65 23.52 -3.69
C PRO B 401 -9.52 22.82 -4.47
N TRP B 402 -8.29 22.90 -3.94
CA TRP B 402 -7.08 22.53 -4.68
C TRP B 402 -6.12 21.67 -3.80
N HIS B 403 -5.00 21.19 -4.36
CA HIS B 403 -4.04 20.34 -3.62
C HIS B 403 -4.78 19.17 -2.97
N GLY B 404 -5.60 18.47 -3.75
CA GLY B 404 -6.17 17.23 -3.27
C GLY B 404 -6.76 16.36 -4.36
N GLU B 405 -6.83 15.06 -4.09
CA GLU B 405 -7.61 14.15 -4.94
C GLU B 405 -9.09 14.56 -4.88
N PRO B 406 -9.91 14.07 -5.82
CA PRO B 406 -11.33 14.49 -5.83
C PRO B 406 -12.07 14.32 -4.49
N ARG B 407 -11.78 13.25 -3.76
CA ARG B 407 -12.37 13.05 -2.44
C ARG B 407 -12.07 14.22 -1.50
N HIS B 408 -10.84 14.70 -1.54
CA HIS B 408 -10.47 15.82 -0.69
C HIS B 408 -11.15 17.11 -1.17
N GLN B 409 -11.12 17.32 -2.48
CA GLN B 409 -11.70 18.53 -3.06
C GLN B 409 -13.19 18.65 -2.80
N ILE B 410 -13.88 17.53 -2.96
CA ILE B 410 -15.33 17.54 -2.88
C ILE B 410 -15.72 17.64 -1.40
N ASN B 411 -14.96 16.99 -0.52
CA ASN B 411 -15.22 17.19 0.89
C ASN B 411 -14.88 18.60 1.38
N HIS B 412 -13.92 19.24 0.73
CA HIS B 412 -13.65 20.65 1.02
C HIS B 412 -14.83 21.49 0.56
N ALA B 413 -15.46 21.09 -0.54
CA ALA B 413 -16.60 21.83 -1.07
C ALA B 413 -17.81 21.69 -0.15
N LYS B 414 -18.02 20.49 0.38
CA LYS B 414 -19.12 20.28 1.31
C LYS B 414 -18.91 21.08 2.58
N LEU B 415 -17.68 21.09 3.09
CA LEU B 415 -17.34 21.87 4.27
C LEU B 415 -17.72 23.34 4.10
N ALA B 416 -17.38 23.93 2.96
CA ALA B 416 -17.68 25.34 2.69
C ALA B 416 -19.20 25.60 2.73
N GLN B 417 -19.98 24.60 2.32
CA GLN B 417 -21.45 24.73 2.33
C GLN B 417 -22.06 24.77 3.74
N THR B 418 -21.31 24.32 4.73
CA THR B 418 -21.82 24.26 6.09
C THR B 418 -21.67 25.59 6.82
N LEU B 419 -20.98 26.53 6.20
CA LEU B 419 -20.55 27.77 6.84
C LEU B 419 -21.57 28.91 6.62
N PRO B 420 -21.49 29.99 7.42
CA PRO B 420 -22.47 31.08 7.35
C PRO B 420 -22.57 31.82 6.01
N ARG B 421 -21.46 31.99 5.30
CA ARG B 421 -21.51 32.64 3.99
C ARG B 421 -20.82 31.78 2.93
N PRO B 422 -21.52 30.73 2.46
CA PRO B 422 -20.96 29.81 1.47
C PRO B 422 -20.66 30.55 0.16
N PRO B 423 -19.71 30.04 -0.62
CA PRO B 423 -19.38 30.69 -1.90
C PRO B 423 -20.55 30.61 -2.86
N LYS B 424 -20.67 31.57 -3.77
CA LYS B 424 -21.78 31.57 -4.73
C LYS B 424 -21.72 30.33 -5.62
N ARG B 425 -20.52 30.00 -6.08
CA ARG B 425 -20.31 28.77 -6.83
C ARG B 425 -18.98 28.14 -6.44
N THR B 426 -18.97 26.82 -6.37
CA THR B 426 -17.75 26.07 -6.14
C THR B 426 -17.58 25.08 -7.28
N LEU B 427 -16.37 25.03 -7.82
CA LEU B 427 -16.05 24.10 -8.91
C LEU B 427 -14.98 23.10 -8.50
N ILE B 428 -15.12 21.87 -8.96
CA ILE B 428 -14.10 20.86 -8.74
C ILE B 428 -13.28 20.78 -10.03
N ALA B 429 -12.14 21.49 -10.02
CA ALA B 429 -11.30 21.59 -11.20
C ALA B 429 -10.52 20.32 -11.44
N LYS B 430 -10.27 20.03 -12.71
CA LYS B 430 -9.35 18.98 -13.13
C LYS B 430 -8.13 19.63 -13.77
N ASN B 431 -7.01 18.91 -13.80
CA ASN B 431 -5.84 19.37 -14.54
C ASN B 431 -6.21 19.60 -16.00
N GLY B 432 -5.81 20.75 -16.53
CA GLY B 432 -6.10 21.07 -17.92
C GLY B 432 -7.38 21.86 -18.11
N ASP B 433 -8.18 22.01 -17.06
CA ASP B 433 -9.42 22.78 -17.13
C ASP B 433 -9.12 24.27 -17.32
N ILE B 434 -9.87 24.91 -18.20
CA ILE B 434 -9.83 26.36 -18.32
C ILE B 434 -10.93 26.96 -17.47
N VAL B 435 -10.59 27.53 -16.33
CA VAL B 435 -11.59 28.12 -15.47
C VAL B 435 -11.68 29.61 -15.79
N ASN B 436 -12.80 30.00 -16.38
CA ASN B 436 -13.01 31.41 -16.65
C ASN B 436 -13.52 32.10 -15.41
N LEU B 437 -12.83 33.18 -15.06
CA LEU B 437 -13.17 33.97 -13.91
C LEU B 437 -13.57 35.36 -14.34
N GLY B 438 -14.80 35.74 -14.03
CA GLY B 438 -15.26 37.10 -14.26
C GLY B 438 -15.86 37.60 -12.95
N PRO B 439 -16.20 38.90 -12.89
CA PRO B 439 -16.81 39.47 -11.69
C PRO B 439 -18.07 38.71 -11.30
N ASP B 440 -18.77 38.21 -12.31
CA ASP B 440 -19.90 37.31 -12.07
C ASP B 440 -19.83 36.06 -12.93
N GLU B 441 -18.64 35.69 -13.38
CA GLU B 441 -18.50 34.44 -14.13
C GLU B 441 -17.54 33.46 -13.47
N PHE B 442 -17.96 32.21 -13.38
CA PHE B 442 -17.13 31.14 -12.82
C PHE B 442 -17.54 29.83 -13.47
N ARG B 443 -16.78 29.41 -14.47
CA ARG B 443 -17.13 28.23 -15.23
C ARG B 443 -15.93 27.64 -15.96
N VAL B 444 -16.03 26.36 -16.29
CA VAL B 444 -15.04 25.67 -17.11
C VAL B 444 -15.44 25.78 -18.58
N SER B 445 -14.81 26.72 -19.28
CA SER B 445 -15.14 26.99 -20.68
C SER B 445 -14.43 26.06 -21.65
N GLY B 446 -13.27 25.56 -21.24
CA GLY B 446 -12.48 24.71 -22.11
C GLY B 446 -11.44 23.90 -21.38
N THR B 447 -10.70 23.11 -22.15
CA THR B 447 -9.60 22.33 -21.62
C THR B 447 -8.38 22.50 -22.49
N VAL B 448 -7.21 22.55 -21.88
CA VAL B 448 -5.96 22.53 -22.64
C VAL B 448 -5.23 21.23 -22.34
N ALA B 449 -4.19 20.94 -23.11
CA ALA B 449 -3.39 19.73 -22.92
C ALA B 449 -2.71 19.72 -21.55
N ALA B 450 -2.90 18.65 -20.81
CA ALA B 450 -2.27 18.50 -19.50
C ALA B 450 -2.06 17.04 -19.22
N GLY B 451 -1.18 16.74 -18.29
CA GLY B 451 -0.91 15.34 -18.01
C GLY B 451 0.43 15.13 -17.37
N ALA B 452 0.89 13.88 -17.42
CA ALA B 452 2.11 13.48 -16.76
C ALA B 452 3.21 13.17 -17.77
N VAL B 453 4.45 13.44 -17.39
CA VAL B 453 5.63 13.03 -18.15
C VAL B 453 6.52 12.22 -17.23
N TYR B 454 6.81 10.97 -17.61
CA TYR B 454 7.61 10.11 -16.74
C TYR B 454 9.09 10.36 -16.93
N VAL B 455 9.80 10.45 -15.81
CA VAL B 455 11.24 10.54 -15.84
C VAL B 455 11.80 9.23 -15.29
N ASP B 456 12.67 8.61 -16.07
CA ASP B 456 13.24 7.31 -15.70
C ASP B 456 14.72 7.31 -15.96
N GLY B 457 15.52 7.51 -14.91
CA GLY B 457 16.94 7.74 -15.09
C GLY B 457 17.15 9.10 -15.73
N LEU B 458 17.97 9.12 -16.79
CA LEU B 458 18.25 10.33 -17.56
C LEU B 458 17.13 10.66 -18.52
N GLY B 459 16.41 9.62 -18.95
CA GLY B 459 15.35 9.77 -19.93
C GLY B 459 14.12 10.52 -19.43
N VAL B 460 13.64 11.45 -20.26
CA VAL B 460 12.44 12.22 -19.95
C VAL B 460 11.37 11.98 -21.00
N GLY B 461 10.26 11.35 -20.60
CA GLY B 461 9.22 11.03 -21.57
C GLY B 461 9.52 9.89 -22.54
N ASP B 462 10.63 9.17 -22.35
CA ASP B 462 10.88 8.00 -23.20
C ASP B 462 10.15 6.75 -22.67
N VAL B 463 9.70 6.80 -21.42
CA VAL B 463 8.82 5.76 -20.87
C VAL B 463 7.43 6.35 -20.81
N ASN B 464 6.48 5.66 -21.44
CA ASN B 464 5.09 6.11 -21.39
C ASN B 464 4.22 4.98 -20.88
N ASP B 465 2.91 5.15 -20.94
CA ASP B 465 1.99 4.15 -20.38
C ASP B 465 2.08 2.83 -21.14
N ASP B 466 2.29 2.91 -22.45
CA ASP B 466 2.42 1.69 -23.25
C ASP B 466 3.63 0.88 -22.82
N VAL B 467 4.75 1.56 -22.61
CA VAL B 467 5.92 0.88 -22.08
C VAL B 467 5.61 0.25 -20.71
N LEU B 468 4.93 1.01 -19.85
CA LEU B 468 4.59 0.51 -18.52
C LEU B 468 3.73 -0.75 -18.55
N LEU B 469 2.76 -0.78 -19.47
CA LEU B 469 1.91 -1.95 -19.67
C LEU B 469 2.75 -3.22 -19.83
N ASP B 470 3.82 -3.12 -20.60
CA ASP B 470 4.74 -4.23 -20.79
C ASP B 470 5.48 -4.60 -19.51
N ARG B 471 5.99 -3.61 -18.79
CA ARG B 471 6.72 -3.90 -17.55
C ARG B 471 5.79 -4.65 -16.56
N VAL B 472 4.55 -4.17 -16.45
CA VAL B 472 3.53 -4.85 -15.68
C VAL B 472 3.36 -6.30 -16.14
N ASN B 473 3.31 -6.48 -17.46
CA ASN B 473 3.14 -7.80 -18.06
C ASN B 473 4.29 -8.73 -17.73
N LEU B 474 5.52 -8.27 -17.98
CA LEU B 474 6.72 -8.98 -17.58
C LEU B 474 6.65 -9.34 -16.10
N SER B 475 6.26 -8.35 -15.31
CA SER B 475 6.18 -8.47 -13.87
C SER B 475 5.28 -9.63 -13.40
N GLN B 476 4.19 -9.84 -14.13
CA GLN B 476 3.14 -10.75 -13.68
C GLN B 476 3.25 -12.18 -14.22
N GLU B 477 3.79 -12.35 -15.41
CA GLU B 477 3.71 -13.64 -16.06
C GLU B 477 5.07 -14.19 -16.50
N GLY B 478 6.10 -13.36 -16.41
CA GLY B 478 7.44 -13.80 -16.77
C GLY B 478 7.68 -13.90 -18.27
N LEU B 479 8.83 -14.46 -18.65
CA LEU B 479 9.30 -14.37 -20.03
C LEU B 479 9.87 -15.65 -20.63
N LEU B 480 9.43 -15.97 -21.85
CA LEU B 480 10.03 -17.03 -22.67
C LEU B 480 10.47 -16.51 -24.05
N ILE B 481 11.77 -16.43 -24.27
CA ILE B 481 12.28 -16.13 -25.62
C ILE B 481 12.33 -17.41 -26.43
N LEU B 482 11.71 -17.40 -27.60
CA LEU B 482 11.62 -18.60 -28.42
C LEU B 482 12.19 -18.44 -29.82
N THR B 483 13.25 -19.19 -30.10
CA THR B 483 13.97 -19.08 -31.37
C THR B 483 13.85 -20.37 -32.20
N ALA B 484 13.37 -20.22 -33.43
CA ALA B 484 13.30 -21.35 -34.36
C ALA B 484 14.12 -21.11 -35.61
N VAL B 485 15.02 -22.04 -35.93
CA VAL B 485 15.72 -22.03 -37.21
C VAL B 485 15.19 -23.16 -38.07
N LEU B 486 14.71 -22.85 -39.27
CA LEU B 486 14.22 -23.89 -40.15
C LEU B 486 15.37 -24.77 -40.65
N HIS B 487 16.55 -24.16 -40.82
CA HIS B 487 17.74 -24.91 -41.24
C HIS B 487 18.54 -25.35 -40.01
N PRO B 488 19.28 -26.47 -40.13
CA PRO B 488 19.24 -27.46 -41.22
C PRO B 488 17.89 -28.16 -41.33
N THR B 489 17.31 -28.52 -40.19
CA THR B 489 15.94 -29.03 -40.13
C THR B 489 15.24 -28.30 -38.97
N PRO B 490 13.89 -28.26 -38.98
CA PRO B 490 13.20 -27.42 -37.98
C PRO B 490 13.48 -27.81 -36.53
N HIS B 491 13.79 -26.82 -35.70
CA HIS B 491 14.07 -27.03 -34.28
C HIS B 491 13.84 -25.74 -33.50
N VAL B 492 13.87 -25.83 -32.18
CA VAL B 492 13.55 -24.69 -31.30
C VAL B 492 14.54 -24.58 -30.14
N GLU B 493 14.86 -23.35 -29.71
CA GLU B 493 15.71 -23.12 -28.55
C GLU B 493 15.09 -22.14 -27.54
N VAL B 494 15.30 -22.38 -26.25
CA VAL B 494 14.55 -21.65 -25.20
C VAL B 494 15.39 -20.99 -24.10
N VAL B 495 15.18 -19.69 -23.90
CA VAL B 495 15.69 -19.00 -22.71
C VAL B 495 14.49 -18.44 -21.92
N ALA B 496 14.46 -18.68 -20.61
CA ALA B 496 13.37 -18.22 -19.75
C ALA B 496 13.80 -17.20 -18.72
N ARG B 497 12.90 -16.27 -18.42
CA ARG B 497 13.09 -15.31 -17.35
C ARG B 497 11.80 -15.11 -16.57
N GLY B 498 11.85 -15.42 -15.27
CA GLY B 498 10.71 -15.21 -14.39
C GLY B 498 9.43 -15.95 -14.75
N PHE B 499 9.55 -17.06 -15.49
CA PHE B 499 8.38 -17.83 -15.87
C PHE B 499 8.08 -18.95 -14.87
N ALA B 500 9.07 -19.80 -14.64
CA ALA B 500 8.94 -20.98 -13.80
C ALA B 500 10.33 -21.47 -13.43
N ARG B 501 10.44 -22.25 -12.35
CA ARG B 501 11.73 -22.85 -12.03
C ARG B 501 12.02 -23.93 -13.08
N PRO B 502 13.31 -24.26 -13.28
CA PRO B 502 13.66 -25.23 -14.34
C PRO B 502 12.92 -26.57 -14.20
N ASN B 503 12.20 -26.95 -15.26
CA ASN B 503 11.58 -28.27 -15.36
C ASN B 503 11.82 -28.89 -16.75
N ARG B 504 12.55 -29.99 -16.78
CA ARG B 504 12.90 -30.63 -18.06
C ARG B 504 11.65 -31.07 -18.84
N ASP B 505 10.72 -31.73 -18.17
CA ASP B 505 9.49 -32.20 -18.83
C ASP B 505 8.68 -31.07 -19.48
N LEU B 506 8.56 -29.96 -18.77
CA LEU B 506 7.85 -28.79 -19.29
C LEU B 506 8.54 -28.24 -20.52
N GLU B 507 9.86 -28.13 -20.43
CA GLU B 507 10.66 -27.54 -21.49
C GLU B 507 10.66 -28.39 -22.75
N LEU B 508 10.88 -29.69 -22.57
CA LEU B 508 10.79 -30.63 -23.68
C LEU B 508 9.42 -30.52 -24.34
N GLN B 509 8.39 -30.39 -23.51
CA GLN B 509 7.03 -30.37 -24.03
C GLN B 509 6.69 -29.08 -24.78
N ILE B 510 7.30 -27.94 -24.42
CA ILE B 510 6.97 -26.70 -25.12
C ILE B 510 7.53 -26.72 -26.54
N ARG B 511 8.66 -27.39 -26.74
CA ARG B 511 9.31 -27.41 -28.05
C ARG B 511 8.51 -28.23 -29.05
N ARG B 512 7.88 -29.31 -28.57
CA ARG B 512 7.03 -30.15 -29.41
C ARG B 512 5.92 -29.34 -30.07
N VAL B 513 5.26 -28.49 -29.28
CA VAL B 513 4.28 -27.57 -29.84
C VAL B 513 4.96 -26.60 -30.81
N ALA B 514 6.11 -26.09 -30.39
CA ALA B 514 6.85 -25.10 -31.17
C ALA B 514 7.46 -25.68 -32.45
N LEU B 515 8.06 -26.86 -32.35
CA LEU B 515 8.74 -27.46 -33.50
C LEU B 515 7.75 -28.02 -34.52
N GLU B 516 6.69 -28.66 -34.04
CA GLU B 516 5.67 -29.23 -34.92
C GLU B 516 4.98 -28.12 -35.71
N ALA B 517 4.72 -27.00 -35.07
CA ALA B 517 4.12 -25.85 -35.74
C ALA B 517 5.07 -25.29 -36.81
N VAL B 518 6.37 -25.41 -36.58
CA VAL B 518 7.36 -25.04 -37.60
C VAL B 518 7.40 -26.09 -38.71
N GLU B 519 7.33 -27.36 -38.33
CA GLU B 519 7.34 -28.46 -39.29
C GLU B 519 6.03 -28.49 -40.10
N GLN B 520 4.91 -28.30 -39.42
CA GLN B 520 3.62 -28.22 -40.08
C GLN B 520 3.58 -26.94 -40.92
N GLY B 521 4.17 -25.88 -40.38
CA GLY B 521 4.33 -24.64 -41.12
C GLY B 521 5.31 -24.80 -42.27
N LEU B 522 6.21 -25.76 -42.16
CA LEU B 522 7.20 -26.01 -43.20
C LEU B 522 6.60 -26.78 -44.39
N ARG B 523 5.67 -27.68 -44.09
CA ARG B 523 5.05 -28.56 -45.10
C ARG B 523 4.47 -27.74 -46.26
N GLU B 524 3.73 -26.70 -45.93
CA GLU B 524 3.31 -25.71 -46.91
C GLU B 524 4.22 -24.50 -46.76
N LYS B 525 5.02 -24.22 -47.79
CA LYS B 525 5.97 -23.11 -47.77
C LYS B 525 5.34 -21.83 -47.24
N LYS B 526 5.88 -21.32 -46.13
CA LYS B 526 5.27 -20.19 -45.44
C LYS B 526 6.23 -19.01 -45.32
N ARG B 527 5.68 -17.80 -45.34
CA ARG B 527 6.44 -16.61 -45.03
C ARG B 527 6.92 -16.72 -43.58
N LEU B 528 8.08 -16.14 -43.29
CA LEU B 528 8.69 -16.25 -41.97
C LEU B 528 7.79 -15.66 -40.88
N GLU B 529 7.05 -14.62 -41.23
CA GLU B 529 6.14 -13.96 -40.29
C GLU B 529 4.94 -14.86 -39.98
N ASP B 530 4.52 -15.64 -40.97
CA ASP B 530 3.46 -16.62 -40.79
C ASP B 530 3.88 -17.68 -39.79
N VAL B 531 5.16 -18.03 -39.82
CA VAL B 531 5.73 -19.00 -38.89
C VAL B 531 5.61 -18.50 -37.44
N ARG B 532 5.83 -17.20 -37.26
CA ARG B 532 5.72 -16.59 -35.94
C ARG B 532 4.34 -16.82 -35.34
N ASP B 533 3.31 -16.68 -36.15
CA ASP B 533 1.93 -16.85 -35.69
C ASP B 533 1.65 -18.28 -35.24
N ASP B 534 2.23 -19.23 -35.95
CA ASP B 534 2.08 -20.64 -35.60
C ASP B 534 2.98 -20.99 -34.42
N MET B 535 4.22 -20.51 -34.45
CA MET B 535 5.18 -20.78 -33.39
C MET B 535 4.81 -20.07 -32.07
N TYR B 536 4.67 -18.74 -32.10
CA TYR B 536 4.24 -17.99 -30.92
C TYR B 536 2.91 -18.54 -30.43
N GLY B 537 2.00 -18.81 -31.37
CA GLY B 537 0.67 -19.28 -31.04
C GLY B 537 0.67 -20.68 -30.46
N ALA B 538 1.63 -21.51 -30.87
CA ALA B 538 1.70 -22.90 -30.44
C ALA B 538 2.05 -23.03 -28.97
N VAL B 539 3.12 -22.35 -28.57
CA VAL B 539 3.59 -22.40 -27.20
C VAL B 539 2.55 -21.87 -26.23
N ARG B 540 1.99 -20.71 -26.53
CA ARG B 540 0.95 -20.11 -25.67
C ARG B 540 -0.23 -21.05 -25.48
N ARG B 541 -0.68 -21.67 -26.56
CA ARG B 541 -1.78 -22.62 -26.50
C ARG B 541 -1.45 -23.76 -25.54
N PHE B 542 -0.26 -24.35 -25.74
CA PHE B 542 0.23 -25.41 -24.87
C PHE B 542 0.47 -24.90 -23.46
N THR B 543 1.31 -23.86 -23.35
CA THR B 543 1.67 -23.27 -22.06
C THR B 543 0.46 -22.97 -21.19
N ARG B 544 -0.60 -22.45 -21.80
CA ARG B 544 -1.81 -22.14 -21.05
C ARG B 544 -2.44 -23.42 -20.49
N LYS B 545 -2.39 -24.49 -21.26
CA LYS B 545 -2.90 -25.78 -20.79
C LYS B 545 -2.00 -26.32 -19.68
N ALA B 546 -0.69 -26.28 -19.92
CA ALA B 546 0.31 -26.88 -19.03
C ALA B 546 0.46 -26.20 -17.66
N THR B 547 0.71 -24.90 -17.65
CA THR B 547 0.99 -24.20 -16.40
C THR B 547 -0.20 -23.36 -15.95
N GLY B 548 -1.11 -23.08 -16.86
CA GLY B 548 -2.25 -22.23 -16.58
C GLY B 548 -1.85 -20.76 -16.58
N ARG B 549 -0.68 -20.46 -17.15
CA ARG B 549 -0.16 -19.11 -17.13
C ARG B 549 0.17 -18.60 -18.54
N ASN B 550 0.26 -17.29 -18.67
CA ASN B 550 0.49 -16.66 -19.96
C ASN B 550 1.73 -15.77 -19.96
N PRO B 551 2.92 -16.37 -19.95
CA PRO B 551 4.16 -15.60 -19.96
C PRO B 551 4.31 -14.85 -21.27
N VAL B 552 4.94 -13.68 -21.25
CA VAL B 552 5.14 -12.97 -22.50
C VAL B 552 6.17 -13.74 -23.33
N LEU B 553 5.87 -13.92 -24.61
CA LEU B 553 6.72 -14.73 -25.49
C LEU B 553 7.32 -13.88 -26.61
N ILE B 554 8.63 -14.05 -26.83
CA ILE B 554 9.30 -13.34 -27.91
C ILE B 554 9.77 -14.34 -28.97
N PRO B 555 8.98 -14.50 -30.05
CA PRO B 555 9.37 -15.38 -31.16
C PRO B 555 10.41 -14.76 -32.09
N MET B 556 11.48 -15.50 -32.36
CA MET B 556 12.52 -15.07 -33.29
C MET B 556 12.89 -16.22 -34.23
N ILE B 557 12.98 -15.93 -35.53
CA ILE B 557 13.46 -16.92 -36.49
C ILE B 557 14.92 -16.61 -36.79
N VAL B 558 15.79 -17.61 -36.66
CA VAL B 558 17.23 -17.40 -36.69
C VAL B 558 17.79 -17.23 -38.11
ZN ZN C . -10.99 -15.41 10.94
ZN ZN D . -7.73 -15.80 10.97
MN MN E . 0.25 -15.71 -12.31
C1 GOL F . -10.98 4.58 1.83
O1 GOL F . -9.75 5.03 1.25
C2 GOL F . -10.76 4.29 3.32
O2 GOL F . -11.85 3.50 3.81
C3 GOL F . -10.71 5.61 4.09
O3 GOL F . -9.61 6.40 3.59
C1 GOL G . 1.62 1.90 11.99
O1 GOL G . 1.22 2.97 11.14
C2 GOL G . 3.13 1.70 11.88
O2 GOL G . 3.46 1.22 10.58
C3 GOL G . 3.83 3.04 12.13
O3 GOL G . 3.13 4.09 11.46
N1 U5P H . -9.33 -10.18 6.93
C2 U5P H . -9.22 -11.09 5.85
N3 U5P H . -10.28 -11.78 5.44
C4 U5P H . -11.46 -11.64 6.04
C5 U5P H . -11.61 -10.75 7.11
C6 U5P H . -10.51 -10.03 7.53
O2 U5P H . -8.11 -11.24 5.29
O4 U5P H . -12.43 -12.29 5.64
C1' U5P H . -8.16 -9.42 7.38
C2' U5P H . -8.47 -7.94 7.52
O2' U5P H . -7.89 -7.19 6.45
C3' U5P H . -7.85 -7.54 8.84
C4' U5P H . -7.79 -8.82 9.63
O3' U5P H . -6.51 -7.08 8.64
O4' U5P H . -7.77 -9.88 8.68
C5' U5P H . -9.01 -8.95 10.52
O5' U5P H . -10.18 -8.56 9.78
P U5P H . -11.61 -8.57 10.48
O1P U5P H . -11.36 -7.65 11.63
O2P U5P H . -12.59 -8.07 9.45
O3P U5P H . -11.84 -10.03 10.82
ZN ZN I . 2.18 20.59 -1.44
ZN ZN J . 4.15 21.46 1.12
MN MN K . 14.12 3.10 -13.60
N1 U5P L . 1.16 14.36 1.74
C2 U5P L . 0.64 13.31 0.96
N3 U5P L . 1.36 12.80 -0.05
C4 U5P L . 2.58 13.28 -0.35
C5 U5P L . 3.10 14.31 0.41
C6 U5P L . 2.37 14.85 1.47
O2 U5P L . -0.49 12.83 1.19
O4 U5P L . 3.24 12.80 -1.29
C1' U5P L . 0.38 14.93 2.84
C2' U5P L . -0.29 13.86 3.68
O2' U5P L . -1.59 13.62 3.16
C3' U5P L . -0.34 14.44 5.08
C4' U5P L . 0.51 15.69 5.02
O3' U5P L . -1.67 14.80 5.44
O4' U5P L . 1.18 15.67 3.75
C5' U5P L . 1.51 15.75 6.16
O5' U5P L . 2.07 17.05 6.19
P U5P L . 3.53 17.29 5.59
O1P U5P L . 4.44 17.20 6.78
O2P U5P L . 3.47 18.64 4.91
O3P U5P L . 3.69 16.16 4.61
#